data_3B6U
#
_entry.id   3B6U
#
_cell.length_a   58.731
_cell.length_b   95.852
_cell.length_c   63.883
_cell.angle_alpha   90.000
_cell.angle_beta   92.610
_cell.angle_gamma   90.000
#
_symmetry.space_group_name_H-M   'P 1 21 1'
#
loop_
_entity.id
_entity.type
_entity.pdbx_description
1 polymer 'Kinesin-like protein KIF3B'
2 non-polymer 'MAGNESIUM ION'
3 non-polymer "ADENOSINE-5'-DIPHOSPHATE"
4 non-polymer 'UNKNOWN ATOM OR ION'
5 water water
#
_entity_poly.entity_id   1
_entity_poly.type   'polypeptide(L)'
_entity_poly.pdbx_seq_one_letter_code
;MHHHHHHSSGRENLYFQGSSESVRVVVRCRPMNGKEKAASYDKVVDVDVKLGQVSVKNPKGTAHEMPKTFTFDAVYDWNA
KQFELYDETFRPLVDSVLQGFNGTIFAYGQTGTGKTYTMEGIRGDPEKRGVIPNSFDHIFTHISRSQNQQYLVRASYLEI
YQEEIRDLLSKDQTKRLELKERPDTGVYVKDLSSFVTKSVKEIEHVMNVGNQNRSVGATNMNEHSSRSHAIFVITIECSE
VGLDGENHIRVGKLNLVDLAGSERQAKTGAQGERLKEATKINLSLSALGNVISALVDGKSTHIPYRDSKLTRLLQDSLGG
NAKTVMVANVGPASYNVEETLTTLRYANRAKNIKNKPRVNEDPKDALLREFQ
;
_entity_poly.pdbx_strand_id   A,B
#
# COMPACT_ATOMS: atom_id res chain seq x y z
N GLU A 21 27.79 -10.61 7.29
CA GLU A 21 27.74 -11.31 5.99
C GLU A 21 26.66 -10.69 5.08
N SER A 22 27.01 -10.45 3.82
CA SER A 22 26.05 -9.83 2.90
C SER A 22 25.07 -10.93 2.38
N VAL A 23 23.87 -10.50 2.05
CA VAL A 23 22.89 -11.32 1.32
C VAL A 23 23.55 -11.72 -0.01
N ARG A 24 23.52 -13.02 -0.33
CA ARG A 24 24.01 -13.51 -1.62
C ARG A 24 22.92 -13.35 -2.67
N VAL A 25 23.29 -12.88 -3.85
CA VAL A 25 22.35 -12.70 -4.92
C VAL A 25 22.84 -13.37 -6.20
N VAL A 26 21.99 -14.23 -6.73
CA VAL A 26 22.24 -14.89 -8.01
C VAL A 26 21.14 -14.57 -9.03
N VAL A 27 21.48 -14.62 -10.31
CA VAL A 27 20.50 -14.45 -11.39
C VAL A 27 20.38 -15.74 -12.21
N ARG A 28 19.15 -16.08 -12.56
CA ARG A 28 18.86 -17.14 -13.50
C ARG A 28 17.97 -16.67 -14.65
N CYS A 29 18.44 -16.90 -15.88
CA CYS A 29 17.70 -16.53 -17.07
C CYS A 29 17.16 -17.81 -17.72
N ARG A 30 15.86 -17.88 -17.86
CA ARG A 30 15.19 -19.02 -18.51
C ARG A 30 15.40 -19.01 -20.02
N PRO A 31 15.16 -20.16 -20.67
CA PRO A 31 15.20 -20.16 -22.12
C PRO A 31 14.11 -19.30 -22.77
N MET A 32 14.37 -18.84 -23.99
CA MET A 32 13.32 -18.21 -24.79
C MET A 32 12.26 -19.26 -25.03
N ASN A 33 10.98 -18.91 -24.86
CA ASN A 33 9.90 -19.87 -25.08
C ASN A 33 9.36 -19.80 -26.52
N GLY A 34 8.48 -20.75 -26.85
CA GLY A 34 7.95 -20.86 -28.21
C GLY A 34 7.20 -19.65 -28.70
N LYS A 35 6.36 -19.10 -27.83
CA LYS A 35 5.57 -17.90 -28.17
C LYS A 35 6.45 -16.70 -28.43
N GLU A 36 7.46 -16.54 -27.58
CA GLU A 36 8.44 -15.48 -27.76
C GLU A 36 9.16 -15.62 -29.10
N LYS A 37 9.67 -16.82 -29.40
CA LYS A 37 10.35 -17.09 -30.69
C LYS A 37 9.40 -16.83 -31.87
N ALA A 38 8.16 -17.32 -31.77
CA ALA A 38 7.14 -17.11 -32.82
C ALA A 38 6.86 -15.63 -33.10
N ALA A 39 6.97 -14.79 -32.06
CA ALA A 39 6.74 -13.36 -32.20
C ALA A 39 7.98 -12.59 -32.66
N SER A 40 9.09 -13.31 -32.91
CA SER A 40 10.33 -12.72 -33.39
C SER A 40 10.92 -11.71 -32.40
N TYR A 41 10.78 -11.98 -31.10
CA TYR A 41 11.49 -11.17 -30.11
C TYR A 41 12.97 -11.46 -30.21
N ASP A 42 13.78 -10.42 -30.00
CA ASP A 42 15.23 -10.56 -29.88
C ASP A 42 15.56 -11.15 -28.50
N LYS A 43 16.59 -11.99 -28.43
CA LYS A 43 17.24 -12.38 -27.16
C LYS A 43 18.21 -11.24 -26.78
N VAL A 44 17.89 -10.56 -25.69
CA VAL A 44 18.67 -9.38 -25.27
C VAL A 44 19.48 -9.60 -23.99
N VAL A 45 19.29 -10.75 -23.34
CA VAL A 45 20.02 -11.05 -22.11
C VAL A 45 21.16 -12.03 -22.40
N ASP A 46 22.39 -11.59 -22.10
CA ASP A 46 23.56 -12.43 -22.17
C ASP A 46 24.05 -12.72 -20.76
N VAL A 47 24.62 -13.90 -20.57
CA VAL A 47 25.13 -14.31 -19.26
C VAL A 47 26.60 -14.70 -19.39
N ASP A 48 27.46 -14.16 -18.52
CA ASP A 48 28.87 -14.52 -18.49
C ASP A 48 29.20 -15.15 -17.15
N VAL A 49 29.23 -16.48 -17.13
CA VAL A 49 29.51 -17.23 -15.90
C VAL A 49 30.89 -16.90 -15.32
N LYS A 50 31.87 -16.63 -16.18
CA LYS A 50 33.22 -16.33 -15.70
C LYS A 50 33.36 -15.04 -14.89
N LEU A 51 32.70 -13.97 -15.32
CA LEU A 51 32.67 -12.72 -14.58
C LEU A 51 31.51 -12.62 -13.56
N GLY A 52 30.62 -13.61 -13.56
CA GLY A 52 29.42 -13.56 -12.75
C GLY A 52 28.53 -12.41 -13.17
N GLN A 53 28.42 -12.18 -14.48
CA GLN A 53 27.68 -11.04 -14.99
C GLN A 53 26.49 -11.37 -15.86
N VAL A 54 25.54 -10.45 -15.87
CA VAL A 54 24.43 -10.47 -16.77
C VAL A 54 24.39 -9.13 -17.51
N SER A 55 24.16 -9.21 -18.82
CA SER A 55 24.24 -8.04 -19.72
C SER A 55 22.96 -7.96 -20.51
N VAL A 56 22.35 -6.78 -20.53
CA VAL A 56 21.14 -6.55 -21.30
C VAL A 56 21.48 -5.61 -22.48
N LYS A 57 21.40 -6.14 -23.69
CA LYS A 57 21.89 -5.42 -24.82
C LYS A 57 20.77 -4.75 -25.58
N ASN A 58 21.15 -3.67 -26.24
CA ASN A 58 20.27 -3.02 -27.18
C ASN A 58 20.36 -3.83 -28.48
N PRO A 59 19.19 -4.15 -29.10
CA PRO A 59 19.27 -4.87 -30.38
C PRO A 59 20.06 -4.13 -31.47
N LYS A 60 20.10 -2.79 -31.40
CA LYS A 60 20.89 -1.96 -32.34
C LYS A 60 22.42 -2.09 -32.11
N GLY A 61 22.82 -2.60 -30.95
CA GLY A 61 24.19 -2.95 -30.71
C GLY A 61 25.03 -1.77 -30.20
N THR A 62 26.31 -2.06 -29.99
CA THR A 62 27.21 -1.10 -29.31
C THR A 62 27.62 0.15 -30.14
N ALA A 63 27.36 0.15 -31.46
CA ALA A 63 27.52 1.40 -32.26
C ALA A 63 26.37 2.35 -31.95
N HIS A 64 25.36 1.87 -31.20
CA HIS A 64 24.21 2.67 -30.80
C HIS A 64 24.18 2.98 -29.29
N GLU A 65 24.35 1.93 -28.49
CA GLU A 65 24.26 2.07 -27.04
C GLU A 65 24.96 0.87 -26.40
N MET A 66 25.59 1.10 -25.26
CA MET A 66 26.26 0.02 -24.56
C MET A 66 25.25 -0.82 -23.80
N PRO A 67 25.53 -2.14 -23.65
CA PRO A 67 24.67 -3.00 -22.82
C PRO A 67 24.63 -2.52 -21.35
N LYS A 68 23.54 -2.82 -20.64
CA LYS A 68 23.51 -2.60 -19.18
C LYS A 68 24.06 -3.89 -18.55
N THR A 69 25.18 -3.80 -17.81
CA THR A 69 25.82 -5.00 -17.24
C THR A 69 25.85 -4.91 -15.75
N PHE A 70 25.50 -6.04 -15.11
CA PHE A 70 25.45 -6.19 -13.66
C PHE A 70 26.27 -7.40 -13.21
N THR A 71 26.82 -7.31 -12.01
CA THR A 71 27.62 -8.38 -11.42
C THR A 71 26.92 -8.94 -10.18
N PHE A 72 26.89 -10.27 -10.08
CA PHE A 72 26.27 -10.96 -8.98
C PHE A 72 27.18 -12.03 -8.43
N ASP A 73 26.75 -12.67 -7.36
CA ASP A 73 27.56 -13.70 -6.72
C ASP A 73 27.69 -14.92 -7.63
N ALA A 74 26.65 -15.16 -8.42
CA ALA A 74 26.62 -16.22 -9.45
C ALA A 74 25.55 -15.89 -10.49
N VAL A 75 25.73 -16.44 -11.69
CA VAL A 75 24.79 -16.24 -12.77
C VAL A 75 24.61 -17.58 -13.46
N TYR A 76 23.38 -17.82 -13.88
CA TYR A 76 22.95 -19.09 -14.50
C TYR A 76 22.15 -18.79 -15.75
N ASP A 77 22.59 -19.33 -16.86
CA ASP A 77 21.91 -19.10 -18.11
C ASP A 77 20.78 -20.15 -18.34
N TRP A 78 20.17 -20.08 -19.52
CA TRP A 78 19.04 -20.95 -19.91
C TRP A 78 19.35 -22.45 -19.93
N ASN A 79 20.63 -22.81 -19.94
CA ASN A 79 21.05 -24.22 -19.99
C ASN A 79 21.46 -24.73 -18.62
N ALA A 80 21.53 -23.85 -17.62
CA ALA A 80 21.94 -24.26 -16.29
C ALA A 80 20.92 -25.21 -15.64
N LYS A 81 21.38 -26.32 -15.09
CA LYS A 81 20.48 -27.30 -14.52
C LYS A 81 20.25 -27.09 -13.01
N GLN A 82 19.12 -27.61 -12.54
CA GLN A 82 18.72 -27.46 -11.13
C GLN A 82 19.86 -27.88 -10.19
N PHE A 83 20.56 -28.98 -10.53
CA PHE A 83 21.58 -29.52 -9.63
C PHE A 83 22.88 -28.67 -9.62
N GLU A 84 23.14 -27.97 -10.72
CA GLU A 84 24.25 -27.00 -10.82
C GLU A 84 24.01 -25.84 -9.84
N LEU A 85 22.83 -25.22 -9.92
CA LEU A 85 22.44 -24.20 -8.91
C LEU A 85 22.51 -24.76 -7.50
N TYR A 86 22.04 -26.01 -7.32
CA TYR A 86 22.03 -26.60 -5.97
C TYR A 86 23.45 -26.69 -5.41
N ASP A 87 24.30 -27.42 -6.10
CA ASP A 87 25.64 -27.66 -5.59
C ASP A 87 26.51 -26.41 -5.48
N GLU A 88 26.31 -25.42 -6.36
CA GLU A 88 27.12 -24.18 -6.36
C GLU A 88 26.58 -23.17 -5.33
N THR A 89 25.27 -22.93 -5.34
CA THR A 89 24.66 -21.84 -4.57
C THR A 89 23.82 -22.25 -3.35
N PHE A 90 22.92 -23.23 -3.52
CA PHE A 90 21.93 -23.55 -2.44
C PHE A 90 22.53 -24.44 -1.33
N ARG A 91 23.43 -25.33 -1.72
CA ARG A 91 23.99 -26.32 -0.81
C ARG A 91 24.67 -25.69 0.40
N PRO A 92 25.56 -24.69 0.19
CA PRO A 92 26.16 -24.04 1.37
C PRO A 92 25.13 -23.39 2.30
N LEU A 93 24.05 -22.85 1.75
CA LEU A 93 23.00 -22.26 2.58
C LEU A 93 22.35 -23.36 3.46
N VAL A 94 21.96 -24.46 2.84
CA VAL A 94 21.33 -25.61 3.54
C VAL A 94 22.33 -26.23 4.54
N ASP A 95 23.58 -26.34 4.11
CA ASP A 95 24.68 -26.73 5.03
C ASP A 95 24.66 -25.88 6.33
N SER A 96 24.52 -24.57 6.19
CA SER A 96 24.46 -23.71 7.34
C SER A 96 23.28 -24.01 8.29
N VAL A 97 22.09 -24.25 7.75
CA VAL A 97 20.91 -24.58 8.57
C VAL A 97 21.16 -25.91 9.31
N LEU A 98 21.79 -26.87 8.64
CA LEU A 98 22.21 -28.13 9.27
C LEU A 98 23.24 -27.92 10.45
N GLN A 99 23.93 -26.79 10.43
CA GLN A 99 24.90 -26.39 11.49
C GLN A 99 24.30 -25.42 12.55
N GLY A 100 23.01 -25.06 12.43
CA GLY A 100 22.31 -24.23 13.43
C GLY A 100 22.06 -22.77 13.08
N PHE A 101 22.39 -22.39 11.86
CA PHE A 101 22.05 -21.05 11.37
C PHE A 101 20.64 -21.07 10.82
N ASN A 102 20.01 -19.92 10.89
CA ASN A 102 18.86 -19.65 10.04
C ASN A 102 19.33 -19.37 8.62
N GLY A 103 18.59 -19.90 7.65
CA GLY A 103 18.94 -19.73 6.23
C GLY A 103 17.67 -19.47 5.44
N THR A 104 17.75 -18.58 4.46
CA THR A 104 16.60 -18.25 3.63
C THR A 104 16.99 -18.25 2.18
N ILE A 105 16.12 -18.84 1.34
CA ILE A 105 16.27 -18.77 -0.10
C ILE A 105 14.97 -18.24 -0.65
N PHE A 106 15.05 -17.11 -1.34
CA PHE A 106 13.84 -16.57 -1.97
C PHE A 106 13.98 -16.33 -3.47
N ALA A 107 12.91 -16.58 -4.21
CA ALA A 107 12.87 -16.38 -5.66
C ALA A 107 12.01 -15.13 -5.97
N TYR A 108 12.59 -14.25 -6.78
CA TYR A 108 12.06 -12.90 -7.05
C TYR A 108 12.12 -12.62 -8.58
N GLY A 109 11.09 -11.96 -9.11
CA GLY A 109 11.09 -11.57 -10.51
C GLY A 109 9.73 -11.61 -11.16
N GLN A 110 9.73 -11.28 -12.44
CA GLN A 110 8.51 -11.17 -13.19
C GLN A 110 7.79 -12.52 -13.27
N THR A 111 6.46 -12.49 -13.21
CA THR A 111 5.66 -13.68 -13.57
C THR A 111 6.10 -14.30 -14.91
N GLY A 112 6.29 -15.62 -14.90
CA GLY A 112 6.66 -16.37 -16.09
C GLY A 112 8.16 -16.58 -16.26
N THR A 113 8.98 -16.04 -15.35
CA THR A 113 10.42 -16.07 -15.50
C THR A 113 11.15 -17.32 -14.95
N GLY A 114 10.51 -18.02 -14.01
CA GLY A 114 11.05 -19.26 -13.45
C GLY A 114 11.21 -19.34 -11.93
N LYS A 115 10.47 -18.53 -11.15
CA LYS A 115 10.55 -18.58 -9.68
C LYS A 115 10.14 -19.98 -9.18
N THR A 116 8.98 -20.42 -9.65
CA THR A 116 8.42 -21.71 -9.26
C THR A 116 9.25 -22.86 -9.75
N TYR A 117 9.68 -22.77 -11.02
CA TYR A 117 10.63 -23.75 -11.57
C TYR A 117 11.87 -23.90 -10.71
N THR A 118 12.44 -22.76 -10.28
CA THR A 118 13.59 -22.79 -9.44
C THR A 118 13.30 -23.37 -8.03
N MET A 119 12.21 -22.96 -7.40
CA MET A 119 11.93 -23.37 -6.02
C MET A 119 11.34 -24.80 -5.91
N GLU A 120 10.24 -25.04 -6.61
CA GLU A 120 9.59 -26.38 -6.64
C GLU A 120 10.16 -27.27 -7.76
N GLY A 121 10.29 -26.73 -8.96
CA GLY A 121 10.66 -27.54 -10.10
C GLY A 121 9.52 -28.44 -10.55
N ILE A 122 9.89 -29.53 -11.20
CA ILE A 122 8.92 -30.46 -11.80
C ILE A 122 9.24 -31.88 -11.27
N ARG A 123 8.26 -32.51 -10.61
CA ARG A 123 8.49 -33.78 -9.85
C ARG A 123 8.98 -34.96 -10.67
N GLY A 124 8.27 -35.28 -11.76
CA GLY A 124 8.49 -36.53 -12.49
C GLY A 124 9.89 -36.79 -13.04
N ASP A 125 10.67 -35.73 -13.29
CA ASP A 125 12.06 -35.88 -13.70
C ASP A 125 12.94 -35.46 -12.53
N PRO A 126 13.70 -36.42 -11.92
CA PRO A 126 14.52 -36.12 -10.76
C PRO A 126 15.46 -34.91 -10.99
N GLU A 127 15.99 -34.82 -12.22
CA GLU A 127 16.83 -33.72 -12.63
C GLU A 127 16.15 -32.34 -12.63
N LYS A 128 14.82 -32.31 -12.67
CA LYS A 128 14.08 -31.05 -12.73
C LYS A 128 13.53 -30.58 -11.42
N ARG A 129 13.81 -31.36 -10.36
CA ARG A 129 13.42 -30.96 -9.02
CA ARG A 129 13.45 -30.99 -8.99
C ARG A 129 14.14 -29.68 -8.60
N GLY A 130 13.39 -28.79 -7.97
CA GLY A 130 13.87 -27.48 -7.55
C GLY A 130 14.53 -27.52 -6.19
N VAL A 131 14.92 -26.35 -5.70
CA VAL A 131 15.66 -26.26 -4.44
C VAL A 131 14.90 -26.86 -3.26
N ILE A 132 13.57 -26.72 -3.22
CA ILE A 132 12.80 -27.25 -2.11
C ILE A 132 12.97 -28.79 -2.00
N PRO A 133 12.55 -29.57 -3.01
CA PRO A 133 12.76 -31.01 -2.89
C PRO A 133 14.26 -31.42 -2.80
N ASN A 134 15.16 -30.69 -3.47
CA ASN A 134 16.57 -31.03 -3.41
C ASN A 134 17.10 -30.87 -2.00
N SER A 135 16.64 -29.82 -1.32
CA SER A 135 17.02 -29.58 0.05
C SER A 135 16.53 -30.75 0.94
N PHE A 136 15.35 -31.31 0.65
CA PHE A 136 14.86 -32.45 1.44
C PHE A 136 15.86 -33.61 1.39
N ASP A 137 16.32 -33.91 0.16
CA ASP A 137 17.26 -35.01 -0.12
C ASP A 137 18.56 -34.78 0.63
N HIS A 138 19.13 -33.58 0.47
CA HIS A 138 20.37 -33.19 1.13
C HIS A 138 20.23 -33.34 2.66
N ILE A 139 19.19 -32.75 3.24
CA ILE A 139 18.98 -32.76 4.70
C ILE A 139 18.88 -34.19 5.22
N PHE A 140 18.00 -35.00 4.63
CA PHE A 140 17.81 -36.36 5.17
C PHE A 140 18.98 -37.30 4.96
N THR A 141 19.69 -37.14 3.84
CA THR A 141 20.92 -37.92 3.57
C THR A 141 22.04 -37.52 4.54
N HIS A 142 22.18 -36.21 4.79
CA HIS A 142 23.09 -35.72 5.83
C HIS A 142 22.78 -36.39 7.20
N ILE A 143 21.52 -36.35 7.60
CA ILE A 143 21.08 -36.89 8.90
C ILE A 143 21.37 -38.40 9.00
N SER A 144 21.07 -39.12 7.92
CA SER A 144 21.31 -40.58 7.88
C SER A 144 22.81 -40.94 8.05
N ARG A 145 23.71 -40.05 7.62
CA ARG A 145 25.15 -40.25 7.76
C ARG A 145 25.75 -39.78 9.10
N SER A 146 24.95 -39.20 9.97
CA SER A 146 25.49 -38.44 11.09
C SER A 146 25.92 -39.34 12.26
N GLN A 147 27.12 -39.06 12.80
CA GLN A 147 27.62 -39.70 14.01
C GLN A 147 27.61 -38.71 15.16
N ASN A 148 27.18 -39.19 16.34
CA ASN A 148 27.15 -38.40 17.57
C ASN A 148 26.17 -37.21 17.58
N GLN A 149 25.23 -37.18 16.64
CA GLN A 149 24.23 -36.11 16.61
C GLN A 149 22.83 -36.66 16.48
N GLN A 150 21.88 -35.99 17.10
CA GLN A 150 20.46 -36.35 16.97
C GLN A 150 19.75 -35.16 16.34
N TYR A 151 19.09 -35.39 15.21
CA TYR A 151 18.33 -34.36 14.50
C TYR A 151 16.82 -34.59 14.67
N LEU A 152 16.09 -33.49 14.78
CA LEU A 152 14.63 -33.48 14.66
C LEU A 152 14.25 -32.43 13.61
N VAL A 153 13.48 -32.84 12.59
CA VAL A 153 13.14 -31.96 11.47
C VAL A 153 11.63 -31.80 11.51
N ARG A 154 11.17 -30.54 11.44
CA ARG A 154 9.75 -30.20 11.38
C ARG A 154 9.51 -29.33 10.16
N ALA A 155 8.31 -29.43 9.59
CA ALA A 155 7.91 -28.62 8.44
C ALA A 155 6.56 -27.91 8.65
N SER A 156 6.49 -26.65 8.17
CA SER A 156 5.26 -25.90 8.03
C SER A 156 5.23 -25.32 6.61
N TYR A 157 4.03 -24.98 6.17
CA TYR A 157 3.83 -24.45 4.84
C TYR A 157 2.68 -23.45 4.85
N LEU A 158 2.96 -22.21 4.45
CA LEU A 158 1.97 -21.17 4.47
C LEU A 158 2.01 -20.35 3.19
N GLU A 159 0.93 -19.61 3.00
CA GLU A 159 0.79 -18.63 1.94
C GLU A 159 0.45 -17.27 2.53
N ILE A 160 0.96 -16.23 1.88
CA ILE A 160 0.55 -14.84 2.17
C ILE A 160 -0.11 -14.31 0.92
N TYR A 161 -1.34 -13.86 1.11
CA TYR A 161 -2.17 -13.35 0.05
C TYR A 161 -3.04 -12.25 0.67
N GLN A 162 -3.04 -11.09 0.03
CA GLN A 162 -3.74 -9.92 0.55
C GLN A 162 -3.38 -9.60 2.02
N GLU A 163 -2.10 -9.74 2.39
CA GLU A 163 -1.62 -9.44 3.74
C GLU A 163 -2.21 -10.29 4.83
N GLU A 164 -2.69 -11.45 4.45
CA GLU A 164 -3.15 -12.43 5.40
C GLU A 164 -2.43 -13.75 5.17
N ILE A 165 -2.22 -14.45 6.28
CA ILE A 165 -1.54 -15.75 6.28
C ILE A 165 -2.56 -16.90 6.35
N ARG A 166 -2.43 -17.82 5.40
CA ARG A 166 -3.17 -19.05 5.38
C ARG A 166 -2.21 -20.24 5.56
N ASP A 167 -2.54 -21.11 6.51
CA ASP A 167 -1.80 -22.35 6.76
C ASP A 167 -2.23 -23.36 5.72
N LEU A 168 -1.30 -23.71 4.82
CA LEU A 168 -1.63 -24.59 3.73
C LEU A 168 -1.81 -26.07 4.15
N LEU A 169 -1.47 -26.37 5.41
CA LEU A 169 -1.59 -27.73 5.96
C LEU A 169 -2.81 -27.98 6.84
N SER A 170 -3.51 -26.93 7.26
CA SER A 170 -4.70 -27.13 8.11
C SER A 170 -5.92 -27.57 7.31
N LYS A 171 -6.82 -28.27 8.01
CA LYS A 171 -8.07 -28.73 7.40
C LYS A 171 -8.92 -27.53 6.98
N ASP A 172 -9.02 -26.52 7.83
CA ASP A 172 -9.86 -25.35 7.53
C ASP A 172 -9.08 -24.31 6.75
N GLN A 173 -9.43 -24.16 5.48
CA GLN A 173 -8.73 -23.22 4.62
C GLN A 173 -9.34 -21.81 4.60
N THR A 174 -10.39 -21.59 5.40
CA THR A 174 -11.01 -20.25 5.55
C THR A 174 -10.36 -19.41 6.69
N LYS A 175 -9.65 -20.06 7.60
CA LYS A 175 -9.04 -19.43 8.75
C LYS A 175 -7.79 -18.65 8.34
N ARG A 176 -7.48 -17.58 9.08
CA ARG A 176 -6.27 -16.79 8.84
C ARG A 176 -5.50 -16.64 10.14
N LEU A 177 -4.17 -16.61 10.06
CA LEU A 177 -3.32 -16.63 11.25
C LEU A 177 -2.61 -15.28 11.48
N GLU A 178 -2.41 -14.95 12.75
CA GLU A 178 -1.70 -13.74 13.17
C GLU A 178 -0.24 -14.00 13.52
N LEU A 179 0.57 -12.96 13.41
CA LEU A 179 1.95 -13.01 13.90
C LEU A 179 1.95 -12.55 15.34
N LYS A 180 2.70 -13.27 16.17
CA LYS A 180 2.95 -12.85 17.56
C LYS A 180 4.45 -12.86 17.78
N GLU A 181 4.88 -12.43 18.98
CA GLU A 181 6.29 -12.32 19.28
C GLU A 181 6.62 -12.93 20.65
N ARG A 182 7.78 -13.59 20.73
CA ARG A 182 8.37 -14.02 21.99
C ARG A 182 9.58 -13.12 22.25
N PRO A 183 9.82 -12.79 23.53
CA PRO A 183 10.87 -11.80 23.88
C PRO A 183 12.30 -12.22 23.49
N ASP A 184 12.60 -13.51 23.47
CA ASP A 184 13.93 -13.98 23.08
C ASP A 184 14.02 -14.37 21.60
N THR A 185 13.06 -15.16 21.14
CA THR A 185 13.13 -15.79 19.82
C THR A 185 12.40 -15.02 18.70
N GLY A 186 11.65 -13.98 19.08
CA GLY A 186 11.01 -13.09 18.12
C GLY A 186 9.74 -13.63 17.49
N VAL A 187 9.51 -13.22 16.24
CA VAL A 187 8.22 -13.36 15.58
C VAL A 187 7.89 -14.81 15.27
N TYR A 188 6.62 -15.17 15.41
CA TYR A 188 6.16 -16.50 14.95
C TYR A 188 4.72 -16.44 14.49
N VAL A 189 4.32 -17.45 13.71
CA VAL A 189 2.96 -17.52 13.22
C VAL A 189 2.16 -18.30 14.24
N LYS A 190 1.30 -17.60 14.98
CA LYS A 190 0.47 -18.23 15.99
C LYS A 190 -0.49 -19.28 15.40
N ASP A 191 -0.46 -20.47 16.01
CA ASP A 191 -1.32 -21.61 15.62
C ASP A 191 -0.99 -22.24 14.27
N LEU A 192 0.16 -21.88 13.69
CA LEU A 192 0.63 -22.55 12.47
C LEU A 192 0.90 -24.05 12.75
N SER A 193 0.38 -24.92 11.90
CA SER A 193 0.63 -26.32 12.08
C SER A 193 2.08 -26.70 11.66
N SER A 194 2.61 -27.73 12.29
CA SER A 194 4.00 -28.16 12.11
C SER A 194 3.95 -29.67 12.18
N PHE A 195 4.51 -30.34 11.18
CA PHE A 195 4.60 -31.82 11.18
C PHE A 195 6.03 -32.21 11.42
N VAL A 196 6.26 -33.11 12.36
CA VAL A 196 7.52 -33.79 12.47
C VAL A 196 7.70 -34.68 11.25
N THR A 197 8.86 -34.57 10.62
CA THR A 197 9.17 -35.28 9.39
C THR A 197 10.46 -36.08 9.59
N LYS A 198 10.34 -37.40 9.46
CA LYS A 198 11.45 -38.37 9.69
C LYS A 198 12.20 -38.77 8.40
N SER A 199 11.65 -38.40 7.24
CA SER A 199 12.22 -38.80 5.97
C SER A 199 11.86 -37.86 4.83
N VAL A 200 12.57 -38.00 3.71
CA VAL A 200 12.22 -37.29 2.49
CA VAL A 200 12.23 -37.32 2.47
C VAL A 200 10.76 -37.57 2.11
N LYS A 201 10.33 -38.82 2.26
CA LYS A 201 8.98 -39.15 1.84
C LYS A 201 7.98 -38.37 2.69
N GLU A 202 8.22 -38.27 4.00
CA GLU A 202 7.30 -37.53 4.89
C GLU A 202 7.25 -36.03 4.53
N ILE A 203 8.42 -35.41 4.33
CA ILE A 203 8.43 -33.97 4.08
C ILE A 203 7.88 -33.62 2.67
N GLU A 204 8.20 -34.44 1.68
CA GLU A 204 7.59 -34.31 0.34
C GLU A 204 6.06 -34.37 0.42
N HIS A 205 5.53 -35.26 1.26
CA HIS A 205 4.08 -35.40 1.45
C HIS A 205 3.47 -34.09 2.01
N VAL A 206 4.15 -33.49 2.98
CA VAL A 206 3.75 -32.20 3.56
C VAL A 206 3.65 -31.14 2.44
N MET A 207 4.66 -31.10 1.58
CA MET A 207 4.63 -30.20 0.42
C MET A 207 3.45 -30.47 -0.54
N ASN A 208 3.21 -31.74 -0.82
CA ASN A 208 2.11 -32.13 -1.70
C ASN A 208 0.75 -31.75 -1.13
N VAL A 209 0.59 -31.94 0.17
CA VAL A 209 -0.64 -31.59 0.91
C VAL A 209 -0.90 -30.09 0.77
N GLY A 210 0.15 -29.30 1.06
CA GLY A 210 0.03 -27.85 0.97
C GLY A 210 -0.27 -27.36 -0.42
N ASN A 211 0.40 -27.92 -1.42
CA ASN A 211 0.20 -27.49 -2.81
C ASN A 211 -1.22 -27.80 -3.29
N GLN A 212 -1.80 -28.88 -2.79
CA GLN A 212 -3.22 -29.14 -2.99
C GLN A 212 -4.09 -28.05 -2.37
N ASN A 213 -3.83 -27.69 -1.13
CA ASN A 213 -4.68 -26.74 -0.41
C ASN A 213 -4.62 -25.35 -0.99
N ARG A 214 -3.50 -25.04 -1.62
CA ARG A 214 -3.31 -23.74 -2.17
C ARG A 214 -4.37 -23.28 -3.18
N SER A 215 -4.84 -24.17 -4.07
CA SER A 215 -5.87 -23.80 -5.07
C SER A 215 -7.29 -23.62 -4.51
N VAL A 216 -7.52 -24.02 -3.25
CA VAL A 216 -8.83 -23.92 -2.62
C VAL A 216 -9.32 -22.48 -2.68
N GLY A 217 -10.46 -22.28 -3.35
CA GLY A 217 -11.05 -20.95 -3.50
C GLY A 217 -10.55 -20.09 -4.66
N ALA A 218 -9.50 -20.53 -5.35
CA ALA A 218 -8.95 -19.79 -6.49
C ALA A 218 -9.88 -19.81 -7.71
N THR A 219 -10.11 -18.65 -8.29
CA THR A 219 -10.83 -18.56 -9.55
C THR A 219 -9.93 -18.92 -10.74
N ASN A 220 -8.69 -18.44 -10.73
CA ASN A 220 -7.68 -18.86 -11.67
C ASN A 220 -6.41 -19.18 -10.90
N MET A 221 -5.96 -20.43 -10.95
CA MET A 221 -4.84 -20.85 -10.10
C MET A 221 -3.52 -20.16 -10.49
N ASN A 222 -3.29 -19.98 -11.78
CA ASN A 222 -2.06 -19.33 -12.27
C ASN A 222 -2.02 -17.86 -11.85
N GLU A 223 -3.14 -17.14 -12.00
CA GLU A 223 -3.21 -15.78 -11.52
C GLU A 223 -3.04 -15.71 -9.98
N HIS A 224 -3.75 -16.59 -9.27
CA HIS A 224 -3.66 -16.61 -7.81
C HIS A 224 -2.22 -16.83 -7.33
N SER A 225 -1.52 -17.80 -7.92
CA SER A 225 -0.17 -18.13 -7.44
C SER A 225 0.84 -17.03 -7.80
N SER A 226 0.57 -16.32 -8.88
CA SER A 226 1.36 -15.13 -9.24
C SER A 226 1.15 -13.93 -8.29
N ARG A 227 0.01 -13.90 -7.57
CA ARG A 227 -0.33 -12.78 -6.71
C ARG A 227 -0.15 -13.07 -5.23
N SER A 228 0.46 -14.22 -4.90
CA SER A 228 0.61 -14.63 -3.53
C SER A 228 2.04 -15.09 -3.35
N HIS A 229 2.39 -15.29 -2.09
CA HIS A 229 3.72 -15.71 -1.68
C HIS A 229 3.59 -17.06 -0.97
N ALA A 230 4.42 -18.01 -1.35
CA ALA A 230 4.41 -19.36 -0.70
C ALA A 230 5.70 -19.55 0.06
N ILE A 231 5.60 -19.97 1.31
CA ILE A 231 6.72 -20.06 2.19
C ILE A 231 6.71 -21.44 2.85
N PHE A 232 7.69 -22.25 2.47
CA PHE A 232 7.89 -23.56 3.02
C PHE A 232 9.02 -23.43 4.05
N VAL A 233 8.70 -23.88 5.27
CA VAL A 233 9.58 -23.66 6.42
C VAL A 233 10.03 -24.99 7.04
N ILE A 234 11.36 -25.20 7.03
CA ILE A 234 11.96 -26.43 7.58
C ILE A 234 12.75 -26.02 8.80
N THR A 235 12.35 -26.55 9.96
CA THR A 235 13.06 -26.27 11.24
C THR A 235 13.90 -27.51 11.59
N ILE A 236 15.21 -27.31 11.71
CA ILE A 236 16.19 -28.38 11.94
C ILE A 236 16.82 -28.18 13.32
N GLU A 237 16.42 -29.03 14.25
CA GLU A 237 17.03 -29.09 15.57
C GLU A 237 18.08 -30.20 15.58
N CYS A 238 19.21 -29.92 16.23
CA CYS A 238 20.28 -30.90 16.39
C CYS A 238 20.81 -30.89 17.83
N SER A 239 20.86 -32.08 18.43
CA SER A 239 21.42 -32.31 19.76
C SER A 239 22.77 -33.02 19.59
N GLU A 240 23.80 -32.49 20.25
CA GLU A 240 25.14 -33.04 20.20
C GLU A 240 25.85 -32.77 21.53
N GLU A 246 29.54 -30.58 27.18
CA GLU A 246 28.30 -29.83 27.36
C GLU A 246 27.30 -30.11 26.23
N ASN A 247 26.03 -30.32 26.61
CA ASN A 247 24.99 -30.64 25.64
C ASN A 247 24.61 -29.41 24.81
N HIS A 248 24.83 -29.50 23.50
CA HIS A 248 24.42 -28.44 22.58
C HIS A 248 23.10 -28.80 21.93
N ILE A 249 22.17 -27.84 21.92
CA ILE A 249 20.98 -27.93 21.09
C ILE A 249 21.00 -26.69 20.18
N ARG A 250 21.13 -26.94 18.89
CA ARG A 250 21.09 -25.88 17.89
C ARG A 250 19.75 -25.97 17.16
N VAL A 251 19.22 -24.84 16.72
CA VAL A 251 18.01 -24.84 15.93
C VAL A 251 18.15 -23.85 14.81
N GLY A 252 17.98 -24.31 13.58
CA GLY A 252 18.07 -23.43 12.44
C GLY A 252 16.80 -23.55 11.65
N LYS A 253 16.31 -22.43 11.15
CA LYS A 253 15.08 -22.38 10.38
C LYS A 253 15.46 -22.08 8.94
N LEU A 254 15.05 -22.97 8.04
CA LEU A 254 15.22 -22.78 6.60
C LEU A 254 13.89 -22.29 5.99
N ASN A 255 13.88 -21.06 5.50
CA ASN A 255 12.72 -20.47 4.84
C ASN A 255 12.93 -20.54 3.33
N LEU A 256 12.02 -21.22 2.66
CA LEU A 256 12.08 -21.41 1.21
C LEU A 256 10.89 -20.67 0.60
N VAL A 257 11.19 -19.53 -0.07
CA VAL A 257 10.15 -18.56 -0.44
C VAL A 257 10.01 -18.38 -1.95
N ASP A 258 8.78 -18.56 -2.44
CA ASP A 258 8.44 -18.29 -3.85
C ASP A 258 7.49 -17.05 -3.85
N LEU A 259 8.04 -15.90 -4.20
CA LEU A 259 7.34 -14.61 -4.07
C LEU A 259 6.32 -14.42 -5.19
N ALA A 260 5.35 -13.55 -4.93
CA ALA A 260 4.52 -12.96 -5.99
C ALA A 260 5.33 -12.30 -7.09
N GLY A 261 4.79 -12.30 -8.31
CA GLY A 261 5.45 -11.65 -9.45
C GLY A 261 5.68 -10.18 -9.20
N SER A 262 6.85 -9.69 -9.61
CA SER A 262 7.23 -8.28 -9.37
C SER A 262 6.55 -7.26 -10.33
N GLU A 273 2.81 12.40 -14.73
CA GLU A 273 2.07 11.41 -13.99
C GLU A 273 2.60 10.04 -14.34
N ARG A 274 2.89 9.24 -13.31
CA ARG A 274 3.31 7.87 -13.52
C ARG A 274 2.10 6.92 -13.44
N LEU A 275 1.66 6.41 -14.59
CA LEU A 275 0.45 5.60 -14.68
C LEU A 275 0.81 4.13 -14.47
N LYS A 276 0.10 3.50 -13.54
CA LYS A 276 0.30 2.10 -13.22
C LYS A 276 -1.07 1.41 -13.24
N GLU A 277 -1.04 0.07 -13.17
CA GLU A 277 -2.25 -0.74 -13.10
C GLU A 277 -2.39 -1.34 -11.68
N ALA A 278 -3.60 -1.26 -11.14
CA ALA A 278 -3.91 -1.73 -9.77
C ALA A 278 -3.83 -3.24 -9.56
N THR A 279 -3.93 -4.01 -10.64
CA THR A 279 -3.96 -5.48 -10.59
C THR A 279 -2.72 -6.20 -10.02
N LYS A 280 -1.51 -5.64 -10.16
CA LYS A 280 -0.32 -6.27 -9.57
C LYS A 280 0.12 -5.67 -8.23
N ILE A 281 -0.59 -4.65 -7.74
CA ILE A 281 -0.32 -4.14 -6.39
C ILE A 281 -0.10 -5.33 -5.48
N ASN A 282 1.04 -5.38 -4.83
CA ASN A 282 1.24 -6.39 -3.80
C ASN A 282 1.79 -5.74 -2.57
N LEU A 283 0.99 -5.76 -1.52
CA LEU A 283 1.29 -5.07 -0.33
C LEU A 283 2.58 -5.61 0.33
N SER A 284 2.77 -6.94 0.31
CA SER A 284 4.01 -7.54 0.88
C SER A 284 5.27 -7.15 0.06
N LEU A 285 5.15 -7.07 -1.25
CA LEU A 285 6.29 -6.67 -2.10
C LEU A 285 6.59 -5.21 -1.89
N SER A 286 5.54 -4.39 -1.76
CA SER A 286 5.75 -2.93 -1.46
C SER A 286 6.64 -2.79 -0.19
N ALA A 287 6.25 -3.52 0.84
CA ALA A 287 6.91 -3.50 2.15
C ALA A 287 8.34 -4.02 2.02
N LEU A 288 8.47 -5.12 1.29
CA LEU A 288 9.80 -5.71 1.02
C LEU A 288 10.74 -4.67 0.40
N GLY A 289 10.26 -3.95 -0.62
CA GLY A 289 11.05 -2.84 -1.23
C GLY A 289 11.48 -1.75 -0.26
N ASN A 290 10.58 -1.34 0.61
CA ASN A 290 10.86 -0.27 1.56
C ASN A 290 11.88 -0.69 2.62
N VAL A 291 11.81 -1.97 3.02
CA VAL A 291 12.75 -2.59 3.95
C VAL A 291 14.14 -2.63 3.32
N ILE A 292 14.24 -3.14 2.09
CA ILE A 292 15.53 -3.24 1.40
C ILE A 292 16.12 -1.83 1.16
N SER A 293 15.28 -0.87 0.77
CA SER A 293 15.73 0.52 0.57
C SER A 293 16.33 1.16 1.84
N ALA A 294 15.63 0.98 2.95
CA ALA A 294 16.06 1.50 4.23
C ALA A 294 17.33 0.82 4.71
N LEU A 295 17.49 -0.46 4.41
CA LEU A 295 18.69 -1.22 4.82
C LEU A 295 19.95 -0.77 4.07
N VAL A 296 19.81 -0.37 2.79
CA VAL A 296 20.98 -0.06 1.97
C VAL A 296 21.23 1.42 1.76
N ASP A 297 20.41 2.28 2.36
CA ASP A 297 20.53 3.75 2.15
C ASP A 297 21.70 4.45 2.85
N GLY A 298 22.26 3.80 3.87
CA GLY A 298 23.24 4.45 4.76
C GLY A 298 22.54 5.31 5.80
N HIS A 302 15.15 3.94 10.53
CA HIS A 302 14.12 3.00 10.90
C HIS A 302 13.88 1.99 9.78
N ILE A 303 13.95 0.69 10.11
CA ILE A 303 13.66 -0.34 9.10
C ILE A 303 12.24 -0.85 9.30
N PRO A 304 11.37 -0.63 8.31
CA PRO A 304 9.92 -0.88 8.51
C PRO A 304 9.52 -2.38 8.36
N TYR A 305 10.13 -3.25 9.16
CA TYR A 305 9.77 -4.66 9.14
C TYR A 305 8.30 -4.94 9.49
N ARG A 306 7.78 -4.22 10.50
CA ARG A 306 6.45 -4.49 11.04
C ARG A 306 5.30 -4.21 10.08
N ASP A 307 5.58 -3.48 8.99
CA ASP A 307 4.57 -2.94 8.05
C ASP A 307 3.83 -4.02 7.23
N SER A 308 4.36 -5.26 7.18
CA SER A 308 3.72 -6.35 6.46
C SER A 308 4.05 -7.70 7.07
N LYS A 309 3.23 -8.70 6.74
CA LYS A 309 3.41 -10.08 7.25
C LYS A 309 4.73 -10.64 6.70
N LEU A 310 4.96 -10.46 5.40
CA LEU A 310 6.18 -10.99 4.79
C LEU A 310 7.44 -10.43 5.46
N THR A 311 7.51 -9.11 5.59
CA THR A 311 8.73 -8.49 6.10
C THR A 311 8.95 -8.76 7.57
N ARG A 312 7.86 -8.99 8.31
CA ARG A 312 8.00 -9.42 9.72
C ARG A 312 8.58 -10.82 9.78
N LEU A 313 7.97 -11.76 9.05
CA LEU A 313 8.55 -13.11 8.91
C LEU A 313 9.99 -13.13 8.35
N LEU A 314 10.30 -12.28 7.39
CA LEU A 314 11.65 -12.30 6.80
C LEU A 314 12.61 -11.32 7.48
N GLN A 315 12.28 -10.84 8.69
CA GLN A 315 13.08 -9.77 9.31
C GLN A 315 14.53 -10.21 9.50
N ASP A 316 14.72 -11.39 10.09
CA ASP A 316 16.06 -11.94 10.24
C ASP A 316 16.78 -12.13 8.90
N SER A 317 16.04 -12.52 7.86
CA SER A 317 16.60 -12.80 6.55
C SER A 317 17.10 -11.52 5.85
N LEU A 318 16.54 -10.38 6.26
CA LEU A 318 16.89 -9.11 5.64
C LEU A 318 17.48 -8.15 6.68
N GLY A 319 18.78 -8.31 6.92
CA GLY A 319 19.54 -7.46 7.82
C GLY A 319 19.69 -8.00 9.24
N GLY A 320 19.23 -9.23 9.46
CA GLY A 320 19.18 -9.84 10.79
C GLY A 320 19.94 -11.14 10.95
N ASN A 321 19.43 -12.00 11.83
CA ASN A 321 20.10 -13.23 12.23
C ASN A 321 19.80 -14.44 11.31
N ALA A 322 20.32 -14.37 10.07
CA ALA A 322 20.14 -15.40 9.05
C ALA A 322 21.14 -15.18 7.92
N LYS A 323 21.47 -16.26 7.24
CA LYS A 323 22.14 -16.22 5.91
C LYS A 323 21.02 -16.22 4.88
N THR A 324 21.22 -15.49 3.79
CA THR A 324 20.15 -15.32 2.82
C THR A 324 20.70 -15.42 1.39
N VAL A 325 19.95 -16.12 0.56
CA VAL A 325 20.20 -16.19 -0.89
C VAL A 325 18.96 -15.69 -1.62
N MET A 326 19.16 -14.70 -2.46
CA MET A 326 18.16 -14.23 -3.38
C MET A 326 18.41 -14.76 -4.77
N VAL A 327 17.38 -15.37 -5.36
CA VAL A 327 17.44 -15.75 -6.79
C VAL A 327 16.58 -14.75 -7.56
N ALA A 328 17.21 -13.95 -8.43
CA ALA A 328 16.49 -13.04 -9.31
C ALA A 328 16.26 -13.77 -10.64
N ASN A 329 15.01 -14.10 -10.90
CA ASN A 329 14.65 -14.78 -12.14
C ASN A 329 14.28 -13.78 -13.23
N VAL A 330 14.83 -14.01 -14.40
CA VAL A 330 14.53 -13.17 -15.52
C VAL A 330 14.31 -14.01 -16.78
N GLY A 331 13.62 -13.42 -17.76
CA GLY A 331 13.52 -13.99 -19.09
C GLY A 331 14.36 -13.24 -20.12
N PRO A 332 14.67 -13.90 -21.26
CA PRO A 332 15.63 -13.33 -22.23
C PRO A 332 15.10 -12.41 -23.35
N ALA A 333 13.78 -12.30 -23.47
CA ALA A 333 13.15 -11.64 -24.64
C ALA A 333 13.16 -10.10 -24.56
N SER A 334 13.23 -9.47 -25.73
CA SER A 334 13.20 -8.02 -25.85
C SER A 334 11.86 -7.40 -25.36
N TYR A 335 10.77 -8.16 -25.53
CA TYR A 335 9.45 -7.74 -25.11
C TYR A 335 9.44 -7.39 -23.61
N ASN A 336 10.17 -8.16 -22.82
CA ASN A 336 10.16 -7.99 -21.39
C ASN A 336 11.36 -7.18 -20.83
N VAL A 337 12.06 -6.45 -21.69
CA VAL A 337 13.34 -5.90 -21.27
C VAL A 337 13.26 -4.89 -20.12
N GLU A 338 12.24 -4.04 -20.11
CA GLU A 338 12.13 -3.04 -19.04
C GLU A 338 11.88 -3.73 -17.70
N GLU A 339 11.04 -4.77 -17.67
CA GLU A 339 10.84 -5.48 -16.42
C GLU A 339 12.08 -6.26 -16.00
N THR A 340 12.80 -6.84 -16.98
CA THR A 340 14.07 -7.53 -16.71
C THR A 340 15.10 -6.57 -16.08
N LEU A 341 15.22 -5.38 -16.68
CA LEU A 341 16.13 -4.38 -16.10
C LEU A 341 15.74 -3.97 -14.67
N THR A 342 14.44 -3.83 -14.43
CA THR A 342 13.96 -3.45 -13.10
C THR A 342 14.35 -4.53 -12.09
N THR A 343 14.15 -5.78 -12.47
CA THR A 343 14.56 -6.91 -11.64
C THR A 343 16.07 -6.93 -11.33
N LEU A 344 16.90 -6.71 -12.36
CA LEU A 344 18.34 -6.67 -12.19
C LEU A 344 18.81 -5.49 -11.26
N ARG A 345 18.23 -4.32 -11.44
CA ARG A 345 18.49 -3.17 -10.54
C ARG A 345 18.10 -3.48 -9.10
N TYR A 346 16.94 -4.13 -8.93
CA TYR A 346 16.43 -4.48 -7.64
C TYR A 346 17.37 -5.48 -6.96
N ALA A 347 17.71 -6.50 -7.70
CA ALA A 347 18.64 -7.53 -7.26
C ALA A 347 20.04 -6.95 -6.94
N ASN A 348 20.53 -6.06 -7.78
CA ASN A 348 21.83 -5.33 -7.57
C ASN A 348 21.91 -4.56 -6.21
N ARG A 349 20.82 -3.88 -5.87
CA ARG A 349 20.65 -3.21 -4.59
C ARG A 349 20.67 -4.21 -3.40
N ALA A 350 19.99 -5.35 -3.58
CA ALA A 350 19.83 -6.32 -2.49
C ALA A 350 21.15 -6.93 -2.02
N LYS A 351 22.11 -7.08 -2.95
CA LYS A 351 23.50 -7.50 -2.64
C LYS A 351 24.13 -6.70 -1.53
N ASN A 352 23.69 -5.46 -1.34
CA ASN A 352 24.24 -4.58 -0.33
C ASN A 352 23.70 -4.77 1.08
N ILE A 353 22.71 -5.64 1.25
CA ILE A 353 22.12 -5.86 2.57
C ILE A 353 23.12 -6.64 3.42
N LYS A 354 23.37 -6.16 4.64
CA LYS A 354 24.33 -6.79 5.55
C LYS A 354 23.59 -7.53 6.65
N ASN A 355 23.83 -8.83 6.73
CA ASN A 355 23.20 -9.66 7.77
C ASN A 355 24.21 -9.95 8.88
N LYS A 356 23.69 -10.44 10.01
CA LYS A 356 24.49 -10.78 11.15
C LYS A 356 24.12 -12.19 11.69
N PRO A 357 24.39 -13.22 10.88
CA PRO A 357 24.00 -14.58 11.23
C PRO A 357 24.84 -15.20 12.38
N ARG A 358 24.17 -15.87 13.29
CA ARG A 358 24.81 -16.57 14.40
C ARG A 358 24.29 -18.00 14.40
N VAL A 359 25.13 -18.93 14.88
CA VAL A 359 24.65 -20.27 15.24
C VAL A 359 23.70 -20.13 16.43
N ASN A 360 22.50 -20.70 16.30
CA ASN A 360 21.44 -20.54 17.30
C ASN A 360 21.54 -21.64 18.36
N GLU A 361 22.39 -21.36 19.36
CA GLU A 361 22.80 -22.34 20.38
C GLU A 361 22.51 -21.80 21.76
N TYR B 15 -28.18 38.90 -10.72
CA TYR B 15 -27.58 37.54 -10.45
C TYR B 15 -27.86 36.60 -11.62
N PHE B 16 -27.03 35.56 -11.75
CA PHE B 16 -27.20 34.50 -12.76
C PHE B 16 -27.24 33.12 -12.09
N GLN B 17 -28.37 32.43 -12.29
CA GLN B 17 -28.74 31.29 -11.44
C GLN B 17 -27.74 30.12 -11.55
N SER B 20 -22.38 30.87 -9.40
CA SER B 20 -21.49 30.70 -8.22
C SER B 20 -22.19 29.95 -7.13
N GLU B 21 -21.42 29.52 -6.14
CA GLU B 21 -21.88 28.51 -5.23
C GLU B 21 -21.01 28.53 -3.98
N SER B 22 -21.67 28.49 -2.83
CA SER B 22 -21.02 28.50 -1.54
C SER B 22 -20.32 27.15 -1.26
N VAL B 23 -19.18 27.19 -0.58
CA VAL B 23 -18.63 26.01 0.11
C VAL B 23 -19.71 25.50 1.09
N ARG B 24 -20.02 24.21 1.03
CA ARG B 24 -20.98 23.59 1.93
C ARG B 24 -20.23 23.14 3.15
N VAL B 25 -20.80 23.47 4.29
CA VAL B 25 -20.16 23.17 5.60
C VAL B 25 -21.15 22.43 6.53
N VAL B 26 -20.69 21.29 7.07
CA VAL B 26 -21.49 20.48 7.97
C VAL B 26 -20.67 20.20 9.21
N VAL B 27 -21.34 20.00 10.32
CA VAL B 27 -20.65 19.63 11.57
C VAL B 27 -21.10 18.25 11.98
N ARG B 28 -20.15 17.44 12.45
CA ARG B 28 -20.45 16.15 12.97
C ARG B 28 -19.89 16.03 14.38
N CYS B 29 -20.75 15.73 15.34
CA CYS B 29 -20.30 15.53 16.71
C CYS B 29 -20.37 14.05 17.03
N ARG B 30 -19.24 13.48 17.44
CA ARG B 30 -19.18 12.05 17.72
C ARG B 30 -19.74 11.76 19.12
N PRO B 31 -20.04 10.46 19.43
CA PRO B 31 -20.43 10.09 20.78
C PRO B 31 -19.37 10.40 21.80
N MET B 32 -19.79 10.72 23.02
CA MET B 32 -18.88 10.75 24.14
C MET B 32 -18.31 9.35 24.26
N ASN B 33 -17.01 9.25 24.38
CA ASN B 33 -16.33 7.94 24.49
C ASN B 33 -16.11 7.46 25.93
N GLY B 34 -15.63 6.23 26.09
CA GLY B 34 -15.47 5.63 27.41
C GLY B 34 -14.46 6.32 28.29
N LYS B 35 -13.40 6.85 27.70
CA LYS B 35 -12.37 7.53 28.46
C LYS B 35 -12.95 8.83 29.03
N GLU B 36 -13.65 9.57 28.18
CA GLU B 36 -14.35 10.80 28.58
C GLU B 36 -15.41 10.52 29.67
N LYS B 37 -16.19 9.47 29.50
CA LYS B 37 -17.19 9.09 30.50
C LYS B 37 -16.52 8.73 31.82
N ALA B 38 -15.51 7.87 31.73
CA ALA B 38 -14.71 7.47 32.92
C ALA B 38 -14.07 8.67 33.67
N ALA B 39 -13.69 9.72 32.94
CA ALA B 39 -13.19 10.96 33.55
C ALA B 39 -14.31 11.94 34.01
N SER B 40 -15.56 11.53 33.86
CA SER B 40 -16.76 12.31 34.24
C SER B 40 -16.85 13.68 33.55
N TYR B 41 -16.42 13.78 32.28
CA TYR B 41 -16.53 15.08 31.58
C TYR B 41 -17.98 15.32 31.27
N ASP B 42 -18.38 16.59 31.23
CA ASP B 42 -19.77 16.92 30.93
C ASP B 42 -19.89 17.01 29.41
N LYS B 43 -21.08 16.71 28.90
CA LYS B 43 -21.40 16.94 27.51
C LYS B 43 -21.80 18.42 27.36
N VAL B 44 -20.97 19.18 26.68
CA VAL B 44 -21.22 20.62 26.47
C VAL B 44 -21.66 20.97 25.03
N VAL B 45 -21.58 20.00 24.13
CA VAL B 45 -22.03 20.22 22.73
C VAL B 45 -23.40 19.64 22.57
N ASP B 46 -24.35 20.46 22.10
CA ASP B 46 -25.68 19.97 21.75
C ASP B 46 -25.95 20.24 20.28
N VAL B 47 -26.42 19.23 19.56
CA VAL B 47 -26.71 19.34 18.14
C VAL B 47 -28.21 19.32 17.89
N ASP B 48 -28.67 20.25 17.06
CA ASP B 48 -30.07 20.36 16.70
C ASP B 48 -30.18 20.11 15.20
N VAL B 49 -30.46 18.85 14.86
CA VAL B 49 -30.46 18.41 13.45
C VAL B 49 -31.52 19.14 12.62
N LYS B 50 -32.71 19.25 13.18
CA LYS B 50 -33.81 19.97 12.53
C LYS B 50 -33.43 21.41 12.15
N LEU B 51 -32.77 22.12 13.06
CA LEU B 51 -32.38 23.52 12.81
C LEU B 51 -30.99 23.69 12.18
N GLY B 52 -30.27 22.58 12.01
CA GLY B 52 -28.90 22.67 11.50
C GLY B 52 -28.02 23.55 12.40
N GLN B 53 -28.18 23.39 13.70
CA GLN B 53 -27.48 24.18 14.69
C GLN B 53 -26.65 23.32 15.66
N VAL B 54 -25.53 23.90 16.10
CA VAL B 54 -24.71 23.37 17.20
C VAL B 54 -24.56 24.45 18.28
N SER B 55 -24.85 24.08 19.52
CA SER B 55 -24.72 24.96 20.67
C SER B 55 -23.64 24.41 21.58
N VAL B 56 -22.80 25.28 22.10
CA VAL B 56 -21.70 24.89 22.97
C VAL B 56 -21.81 25.65 24.28
N LYS B 57 -21.95 24.91 25.35
CA LYS B 57 -22.02 25.49 26.70
C LYS B 57 -20.64 25.72 27.27
N ASN B 58 -20.51 26.76 28.08
CA ASN B 58 -19.32 26.95 28.90
C ASN B 58 -19.30 25.85 29.98
N PRO B 59 -18.11 25.27 30.27
CA PRO B 59 -18.10 24.22 31.29
C PRO B 59 -18.58 24.68 32.70
N LYS B 60 -18.49 25.98 32.97
CA LYS B 60 -19.00 26.59 34.20
C LYS B 60 -20.45 27.06 34.08
N GLY B 61 -21.01 26.97 32.88
CA GLY B 61 -22.38 27.31 32.66
C GLY B 61 -22.62 28.82 32.55
N THR B 62 -23.89 29.18 32.62
CA THR B 62 -24.33 30.58 32.56
C THR B 62 -24.01 31.41 33.76
N ALA B 63 -23.52 30.77 34.82
CA ALA B 63 -22.92 31.50 35.92
C ALA B 63 -21.67 32.24 35.47
N HIS B 64 -21.14 31.89 34.29
CA HIS B 64 -19.89 32.44 33.77
C HIS B 64 -20.06 33.11 32.40
N GLU B 65 -20.71 32.41 31.48
CA GLU B 65 -20.87 32.86 30.13
C GLU B 65 -22.08 32.17 29.50
N MET B 66 -22.74 32.83 28.57
CA MET B 66 -23.85 32.21 27.87
C MET B 66 -23.29 31.26 26.82
N PRO B 67 -24.12 30.26 26.42
CA PRO B 67 -23.69 29.29 25.41
C PRO B 67 -23.54 29.92 24.04
N LYS B 68 -22.67 29.34 23.21
CA LYS B 68 -22.46 29.85 21.85
C LYS B 68 -23.23 28.98 20.87
N THR B 69 -23.85 29.56 19.88
CA THR B 69 -24.62 28.78 18.90
C THR B 69 -24.18 29.13 17.51
N PHE B 70 -24.06 28.10 16.67
CA PHE B 70 -23.69 28.23 15.29
C PHE B 70 -24.69 27.53 14.40
N THR B 71 -24.86 28.04 13.19
CA THR B 71 -25.74 27.44 12.20
C THR B 71 -24.95 27.01 10.98
N PHE B 72 -25.35 25.86 10.42
CA PHE B 72 -24.68 25.24 9.27
C PHE B 72 -25.69 24.70 8.26
N ASP B 73 -25.17 24.27 7.11
CA ASP B 73 -25.97 23.68 6.03
C ASP B 73 -26.66 22.40 6.53
N ALA B 74 -25.92 21.62 7.31
CA ALA B 74 -26.49 20.48 7.99
C ALA B 74 -25.60 20.14 9.18
N VAL B 75 -26.20 19.52 10.18
CA VAL B 75 -25.42 19.01 11.32
C VAL B 75 -25.78 17.54 11.56
N TYR B 76 -24.83 16.82 12.17
CA TYR B 76 -24.94 15.40 12.44
C TYR B 76 -24.57 15.14 13.87
N ASP B 77 -25.45 14.45 14.59
CA ASP B 77 -25.21 14.18 16.01
C ASP B 77 -24.55 12.81 16.21
N TRP B 78 -24.38 12.45 17.49
CA TRP B 78 -23.74 11.21 17.88
CA TRP B 78 -23.71 11.23 17.85
C TRP B 78 -24.36 9.95 17.25
N ASN B 79 -25.64 10.02 16.85
CA ASN B 79 -26.36 8.89 16.23
CA ASN B 79 -26.36 8.89 16.23
C ASN B 79 -26.38 8.88 14.69
N ALA B 80 -25.72 9.84 14.07
CA ALA B 80 -25.72 9.94 12.61
C ALA B 80 -25.09 8.69 12.03
N LYS B 81 -25.68 8.16 10.97
CA LYS B 81 -25.11 6.97 10.30
C LYS B 81 -24.22 7.39 9.11
N GLN B 82 -23.15 6.64 8.90
CA GLN B 82 -22.18 6.91 7.82
C GLN B 82 -22.91 7.05 6.50
N PHE B 83 -23.85 6.13 6.24
CA PHE B 83 -24.52 6.09 4.91
C PHE B 83 -25.53 7.22 4.68
N GLU B 84 -26.14 7.71 5.77
CA GLU B 84 -27.06 8.86 5.75
C GLU B 84 -26.30 10.17 5.54
N LEU B 85 -25.21 10.36 6.28
CA LEU B 85 -24.24 11.42 5.97
CA LEU B 85 -24.27 11.42 6.00
C LEU B 85 -23.90 11.42 4.48
N TYR B 86 -23.53 10.24 3.98
CA TYR B 86 -23.17 10.11 2.58
C TYR B 86 -24.29 10.59 1.66
N ASP B 87 -25.46 10.00 1.79
CA ASP B 87 -26.54 10.30 0.85
C ASP B 87 -27.04 11.76 0.93
N GLU B 88 -27.05 12.31 2.13
CA GLU B 88 -27.51 13.68 2.35
C GLU B 88 -26.48 14.73 1.92
N THR B 89 -25.21 14.53 2.24
CA THR B 89 -24.21 15.57 2.08
C THR B 89 -23.15 15.29 1.01
N PHE B 90 -22.62 14.08 0.97
CA PHE B 90 -21.51 13.76 0.06
C PHE B 90 -21.91 13.31 -1.34
N ARG B 91 -22.98 12.54 -1.45
CA ARG B 91 -23.46 12.03 -2.76
C ARG B 91 -23.59 13.10 -3.84
N PRO B 92 -24.21 14.25 -3.51
CA PRO B 92 -24.33 15.26 -4.60
C PRO B 92 -22.98 15.77 -5.09
N LEU B 93 -21.99 15.83 -4.20
CA LEU B 93 -20.63 16.27 -4.54
C LEU B 93 -20.02 15.24 -5.50
N VAL B 94 -20.09 13.96 -5.12
CA VAL B 94 -19.60 12.86 -5.97
C VAL B 94 -20.35 12.81 -7.33
N ASP B 95 -21.66 13.01 -7.28
CA ASP B 95 -22.47 13.15 -8.48
C ASP B 95 -21.88 14.19 -9.44
N SER B 96 -21.44 15.32 -8.89
CA SER B 96 -20.93 16.43 -9.68
C SER B 96 -19.62 16.02 -10.34
N VAL B 97 -18.79 15.24 -9.66
CA VAL B 97 -17.53 14.84 -10.26
C VAL B 97 -17.81 13.83 -11.40
N LEU B 98 -18.82 12.98 -11.20
CA LEU B 98 -19.25 12.03 -12.23
C LEU B 98 -19.76 12.78 -13.48
N GLN B 99 -20.15 14.04 -13.30
CA GLN B 99 -20.59 14.86 -14.46
CA GLN B 99 -20.63 14.96 -14.37
C GLN B 99 -19.54 15.88 -14.92
N GLY B 100 -18.29 15.71 -14.47
CA GLY B 100 -17.18 16.56 -14.92
C GLY B 100 -16.74 17.78 -14.13
N PHE B 101 -17.32 17.99 -12.94
CA PHE B 101 -16.84 19.03 -12.05
C PHE B 101 -15.71 18.50 -11.19
N ASN B 102 -14.85 19.41 -10.77
CA ASN B 102 -13.94 19.17 -9.63
C ASN B 102 -14.70 19.28 -8.32
N GLY B 103 -14.42 18.35 -7.40
CA GLY B 103 -15.12 18.28 -6.16
C GLY B 103 -14.13 17.95 -5.03
N THR B 104 -14.30 18.57 -3.87
CA THR B 104 -13.38 18.34 -2.74
C THR B 104 -14.19 18.14 -1.48
N ILE B 105 -13.81 17.12 -0.71
CA ILE B 105 -14.41 16.88 0.60
C ILE B 105 -13.25 16.90 1.57
N PHE B 106 -13.32 17.77 2.56
CA PHE B 106 -12.31 17.71 3.60
C PHE B 106 -12.85 17.65 5.02
N ALA B 107 -12.14 16.88 5.85
CA ALA B 107 -12.48 16.69 7.28
C ALA B 107 -11.49 17.50 8.07
N TYR B 108 -12.06 18.38 8.90
CA TYR B 108 -11.35 19.32 9.73
C TYR B 108 -11.78 19.17 11.20
N GLY B 109 -10.81 19.19 12.09
CA GLY B 109 -11.08 19.21 13.52
C GLY B 109 -10.00 18.57 14.35
N GLN B 110 -10.27 18.53 15.65
CA GLN B 110 -9.27 18.19 16.62
C GLN B 110 -8.95 16.69 16.53
N THR B 111 -7.70 16.33 16.82
CA THR B 111 -7.34 14.90 16.95
C THR B 111 -8.34 14.15 17.86
N GLY B 112 -8.79 13.00 17.41
CA GLY B 112 -9.70 12.18 18.10
C GLY B 112 -11.18 12.45 17.94
N THR B 113 -11.57 13.43 17.11
CA THR B 113 -12.96 13.80 16.94
C THR B 113 -13.75 13.01 15.88
N GLY B 114 -13.04 12.42 14.91
CA GLY B 114 -13.68 11.56 13.95
C GLY B 114 -13.43 11.90 12.50
N LYS B 115 -12.34 12.59 12.18
CA LYS B 115 -12.02 12.91 10.77
C LYS B 115 -11.80 11.62 9.95
N THR B 116 -10.99 10.73 10.48
CA THR B 116 -10.66 9.49 9.77
C THR B 116 -11.86 8.54 9.77
N TYR B 117 -12.56 8.45 10.90
CA TYR B 117 -13.80 7.65 10.96
C TYR B 117 -14.78 8.13 9.84
N THR B 118 -14.90 9.45 9.71
CA THR B 118 -15.74 10.06 8.66
C THR B 118 -15.23 9.81 7.21
N MET B 119 -13.92 9.96 6.96
CA MET B 119 -13.34 9.88 5.62
C MET B 119 -13.13 8.44 5.17
N GLU B 120 -12.38 7.66 5.95
CA GLU B 120 -12.17 6.26 5.65
C GLU B 120 -13.21 5.35 6.29
N GLY B 121 -13.42 5.50 7.62
CA GLY B 121 -14.28 4.61 8.37
C GLY B 121 -13.74 3.17 8.35
N ILE B 122 -14.66 2.21 8.43
CA ILE B 122 -14.27 0.80 8.44
C ILE B 122 -14.53 0.22 7.05
N ARG B 123 -13.48 0.06 6.24
CA ARG B 123 -13.70 -0.41 4.90
C ARG B 123 -14.07 -1.91 4.95
N GLY B 124 -14.85 -2.32 3.97
CA GLY B 124 -15.43 -3.65 3.96
C GLY B 124 -16.73 -3.78 4.75
N ASP B 125 -17.09 -2.73 5.51
CA ASP B 125 -18.29 -2.73 6.37
C ASP B 125 -19.25 -1.69 5.81
N PRO B 126 -20.37 -2.13 5.22
CA PRO B 126 -21.30 -1.15 4.62
C PRO B 126 -21.93 -0.17 5.60
N GLU B 127 -22.09 -0.57 6.87
CA GLU B 127 -22.65 0.30 7.89
C GLU B 127 -21.63 1.35 8.35
N LYS B 128 -20.38 0.92 8.58
CA LYS B 128 -19.34 1.77 9.19
C LYS B 128 -18.30 2.34 8.24
N ARG B 129 -18.32 1.97 6.97
CA ARG B 129 -17.43 2.59 6.00
C ARG B 129 -17.75 4.11 5.84
N GLY B 130 -16.71 4.87 5.54
CA GLY B 130 -16.80 6.30 5.43
C GLY B 130 -16.99 6.78 4.02
N VAL B 131 -16.75 8.08 3.84
CA VAL B 131 -17.12 8.72 2.58
CA VAL B 131 -17.07 8.78 2.59
C VAL B 131 -16.26 8.23 1.41
N ILE B 132 -14.99 8.00 1.66
CA ILE B 132 -14.11 7.49 0.61
C ILE B 132 -14.62 6.13 0.04
N PRO B 133 -14.73 5.09 0.88
CA PRO B 133 -15.24 3.81 0.35
C PRO B 133 -16.69 3.87 -0.14
N ASN B 134 -17.54 4.72 0.45
CA ASN B 134 -18.89 4.92 -0.09
C ASN B 134 -18.80 5.50 -1.49
N SER B 135 -17.89 6.44 -1.68
CA SER B 135 -17.71 7.06 -3.01
C SER B 135 -17.25 6.02 -4.05
N PHE B 136 -16.40 5.06 -3.66
CA PHE B 136 -15.98 3.98 -4.57
C PHE B 136 -17.16 3.20 -5.12
N ASP B 137 -18.03 2.78 -4.20
CA ASP B 137 -19.23 2.00 -4.54
C ASP B 137 -20.13 2.83 -5.45
N HIS B 138 -20.41 4.07 -5.04
CA HIS B 138 -21.23 5.00 -5.82
C HIS B 138 -20.66 5.13 -7.26
N ILE B 139 -19.39 5.46 -7.36
CA ILE B 139 -18.75 5.70 -8.66
C ILE B 139 -18.82 4.48 -9.58
N PHE B 140 -18.36 3.32 -9.13
CA PHE B 140 -18.29 2.17 -10.04
C PHE B 140 -19.69 1.59 -10.36
N THR B 141 -20.64 1.77 -9.45
CA THR B 141 -22.04 1.33 -9.67
C THR B 141 -22.69 2.28 -10.70
N HIS B 142 -22.41 3.57 -10.59
CA HIS B 142 -22.81 4.53 -11.59
C HIS B 142 -22.28 4.18 -13.00
N ILE B 143 -20.99 3.90 -13.08
CA ILE B 143 -20.32 3.50 -14.33
C ILE B 143 -20.97 2.24 -14.92
N SER B 144 -21.15 1.23 -14.10
CA SER B 144 -21.70 -0.04 -14.59
C SER B 144 -23.16 0.14 -15.05
N ARG B 145 -23.85 1.10 -14.46
CA ARG B 145 -25.25 1.40 -14.81
C ARG B 145 -25.37 2.21 -16.09
N SER B 146 -24.35 3.01 -16.37
CA SER B 146 -24.39 3.91 -17.50
C SER B 146 -24.46 3.15 -18.82
N GLN B 147 -24.93 3.83 -19.84
CA GLN B 147 -24.83 3.30 -21.20
C GLN B 147 -24.50 4.40 -22.19
N ASN B 148 -23.87 3.99 -23.29
CA ASN B 148 -23.34 4.93 -24.29
C ASN B 148 -22.39 5.96 -23.64
N GLN B 149 -21.64 5.49 -22.63
CA GLN B 149 -20.62 6.30 -21.97
C GLN B 149 -19.37 5.49 -21.66
N GLN B 150 -18.20 6.10 -21.89
CA GLN B 150 -16.96 5.46 -21.53
C GLN B 150 -16.34 6.21 -20.35
N TYR B 151 -15.91 5.45 -19.35
CA TYR B 151 -15.30 6.06 -18.16
C TYR B 151 -13.90 5.52 -17.95
N LEU B 152 -13.06 6.34 -17.35
CA LEU B 152 -11.77 5.87 -16.92
C LEU B 152 -11.60 6.54 -15.55
N VAL B 153 -11.29 5.72 -14.57
CA VAL B 153 -11.11 6.17 -13.17
C VAL B 153 -9.70 5.83 -12.78
N ARG B 154 -9.01 6.77 -12.13
CA ARG B 154 -7.69 6.50 -11.61
C ARG B 154 -7.50 7.24 -10.29
N ALA B 155 -6.62 6.71 -9.44
CA ALA B 155 -6.42 7.27 -8.09
C ALA B 155 -4.95 7.58 -7.79
N SER B 156 -4.75 8.70 -7.08
CA SER B 156 -3.48 9.05 -6.48
C SER B 156 -3.73 9.20 -4.98
N TYR B 157 -2.65 9.16 -4.24
CA TYR B 157 -2.71 9.21 -2.77
C TYR B 157 -1.42 9.78 -2.25
N LEU B 158 -1.52 10.93 -1.58
CA LEU B 158 -0.35 11.66 -1.17
C LEU B 158 -0.54 12.18 0.26
N GLU B 159 0.60 12.42 0.91
CA GLU B 159 0.66 12.97 2.24
C GLU B 159 1.43 14.30 2.18
N ILE B 160 0.96 15.29 2.95
CA ILE B 160 1.72 16.52 3.20
C ILE B 160 2.16 16.49 4.68
N TYR B 161 3.47 16.61 4.87
CA TYR B 161 4.09 16.56 6.17
C TYR B 161 5.35 17.42 6.07
N GLN B 162 5.49 18.30 7.06
CA GLN B 162 6.57 19.27 7.10
C GLN B 162 6.71 20.02 5.76
N GLU B 163 5.58 20.44 5.19
CA GLU B 163 5.54 21.15 3.94
C GLU B 163 6.28 20.47 2.76
N GLU B 164 6.21 19.14 2.76
CA GLU B 164 6.74 18.34 1.69
C GLU B 164 5.66 17.34 1.32
N ILE B 165 5.68 16.93 0.06
CA ILE B 165 4.69 16.00 -0.48
C ILE B 165 5.34 14.64 -0.71
N ARG B 166 4.73 13.61 -0.13
CA ARG B 166 5.14 12.24 -0.32
C ARG B 166 4.03 11.45 -1.05
N ASP B 167 4.43 10.76 -2.09
CA ASP B 167 3.52 9.96 -2.88
C ASP B 167 3.40 8.60 -2.15
N LEU B 168 2.21 8.33 -1.57
CA LEU B 168 2.03 7.08 -0.80
C LEU B 168 1.88 5.82 -1.68
N LEU B 169 1.81 6.02 -3.00
CA LEU B 169 1.65 4.92 -3.95
C LEU B 169 2.98 4.63 -4.69
N SER B 170 4.01 5.41 -4.40
CA SER B 170 5.30 5.24 -5.09
C SER B 170 6.15 4.13 -4.45
N LYS B 171 6.95 3.41 -5.25
CA LYS B 171 7.82 2.42 -4.62
C LYS B 171 8.91 3.11 -3.76
N ASP B 172 9.30 4.33 -4.10
CA ASP B 172 10.28 5.07 -3.32
C ASP B 172 9.64 6.06 -2.33
N GLN B 173 9.63 5.68 -1.05
CA GLN B 173 9.03 6.45 0.01
C GLN B 173 9.96 7.57 0.55
N THR B 174 11.21 7.62 0.07
CA THR B 174 12.15 8.67 0.44
C THR B 174 12.02 9.93 -0.43
N LYS B 175 11.53 9.81 -1.66
CA LYS B 175 11.45 10.99 -2.51
C LYS B 175 10.31 11.91 -2.12
N ARG B 176 10.50 13.20 -2.42
CA ARG B 176 9.49 14.21 -2.15
C ARG B 176 9.20 14.90 -3.46
N LEU B 177 7.93 15.15 -3.73
CA LEU B 177 7.51 15.70 -4.98
C LEU B 177 7.28 17.23 -4.87
N GLU B 178 7.58 17.92 -5.96
CA GLU B 178 7.42 19.34 -6.04
C GLU B 178 6.11 19.66 -6.72
N LEU B 179 5.51 20.77 -6.27
CA LEU B 179 4.38 21.36 -6.94
C LEU B 179 4.89 22.21 -8.08
N LYS B 180 4.23 22.12 -9.23
CA LYS B 180 4.53 22.95 -10.38
C LYS B 180 3.26 23.63 -10.83
N GLU B 181 3.41 24.68 -11.61
CA GLU B 181 2.26 25.44 -12.07
C GLU B 181 2.56 26.07 -13.42
N ARG B 182 1.68 25.82 -14.39
CA ARG B 182 1.76 26.42 -15.72
C ARG B 182 0.40 26.98 -16.12
N PRO B 183 0.36 27.96 -17.06
CA PRO B 183 -0.94 28.42 -17.56
C PRO B 183 -1.72 27.31 -18.25
N ASP B 184 -0.98 26.38 -18.89
CA ASP B 184 -1.55 25.19 -19.55
C ASP B 184 -2.21 24.21 -18.57
N THR B 185 -1.78 24.29 -17.30
CA THR B 185 -1.87 23.18 -16.36
C THR B 185 -2.71 23.42 -15.09
N GLY B 186 -2.64 24.63 -14.54
CA GLY B 186 -3.02 24.88 -13.15
C GLY B 186 -1.86 24.37 -12.30
N VAL B 187 -2.10 24.20 -11.01
CA VAL B 187 -1.09 23.59 -10.14
C VAL B 187 -1.20 22.07 -10.21
N TYR B 188 -0.06 21.39 -10.15
CA TYR B 188 -0.05 19.93 -10.19
C TYR B 188 1.15 19.42 -9.43
N VAL B 189 1.06 18.17 -9.00
CA VAL B 189 2.17 17.53 -8.30
C VAL B 189 2.97 16.86 -9.42
N LYS B 190 4.20 17.31 -9.62
CA LYS B 190 5.07 16.74 -10.64
C LYS B 190 5.45 15.29 -10.31
N ASP B 191 5.31 14.41 -11.32
CA ASP B 191 5.68 13.00 -11.24
C ASP B 191 4.92 12.18 -10.18
N LEU B 192 3.69 12.57 -9.90
CA LEU B 192 2.83 11.86 -8.95
C LEU B 192 2.33 10.60 -9.62
N SER B 193 2.43 9.50 -8.90
CA SER B 193 1.98 8.24 -9.43
C SER B 193 0.43 8.09 -9.37
N SER B 194 -0.11 7.35 -10.31
CA SER B 194 -1.52 7.13 -10.33
C SER B 194 -1.82 5.71 -10.82
N PHE B 195 -2.81 5.08 -10.19
CA PHE B 195 -3.21 3.72 -10.54
C PHE B 195 -4.57 3.84 -11.27
N VAL B 196 -4.62 3.36 -12.52
CA VAL B 196 -5.89 3.11 -13.18
C VAL B 196 -6.65 2.02 -12.39
N THR B 197 -7.91 2.26 -12.12
CA THR B 197 -8.71 1.37 -11.32
C THR B 197 -10.03 1.07 -12.05
N LYS B 198 -10.32 -0.22 -12.25
CA LYS B 198 -11.49 -0.68 -13.03
C LYS B 198 -12.66 -1.16 -12.15
N SER B 199 -12.45 -1.26 -10.85
CA SER B 199 -13.46 -1.76 -9.93
C SER B 199 -13.22 -1.26 -8.52
N VAL B 200 -14.19 -1.51 -7.65
CA VAL B 200 -14.10 -1.18 -6.26
C VAL B 200 -12.95 -1.93 -5.60
N LYS B 201 -12.77 -3.22 -5.94
CA LYS B 201 -11.67 -4.00 -5.39
C LYS B 201 -10.33 -3.35 -5.71
N GLU B 202 -10.17 -2.90 -6.95
CA GLU B 202 -8.91 -2.31 -7.36
C GLU B 202 -8.61 -1.00 -6.61
N ILE B 203 -9.60 -0.12 -6.48
CA ILE B 203 -9.38 1.19 -5.83
C ILE B 203 -9.19 1.01 -4.30
N GLU B 204 -9.90 0.06 -3.71
CA GLU B 204 -9.69 -0.34 -2.29
C GLU B 204 -8.25 -0.82 -2.07
N HIS B 205 -7.72 -1.60 -3.01
CA HIS B 205 -6.35 -2.08 -2.93
C HIS B 205 -5.34 -0.94 -3.04
N VAL B 206 -5.62 0.02 -3.91
CA VAL B 206 -4.84 1.27 -3.99
C VAL B 206 -4.83 1.97 -2.64
N MET B 207 -5.97 2.10 -1.99
CA MET B 207 -5.99 2.75 -0.70
C MET B 207 -5.20 1.93 0.37
N ASN B 208 -5.29 0.59 0.30
CA ASN B 208 -4.57 -0.32 1.21
C ASN B 208 -3.08 -0.11 1.12
N VAL B 209 -2.57 0.01 -0.10
CA VAL B 209 -1.11 0.10 -0.27
C VAL B 209 -0.58 1.47 0.18
N GLY B 210 -1.35 2.52 -0.13
CA GLY B 210 -1.02 3.86 0.34
C GLY B 210 -1.03 3.97 1.85
N ASN B 211 -2.07 3.42 2.49
CA ASN B 211 -2.13 3.38 3.96
C ASN B 211 -0.97 2.60 4.54
N GLN B 212 -0.62 1.47 3.91
CA GLN B 212 0.53 0.69 4.39
C GLN B 212 1.84 1.49 4.26
N ASN B 213 2.07 2.07 3.08
CA ASN B 213 3.25 2.94 2.84
C ASN B 213 3.34 4.16 3.76
N ARG B 214 2.19 4.63 4.21
CA ARG B 214 2.13 5.82 5.05
C ARG B 214 2.95 5.68 6.35
N SER B 215 3.01 4.45 6.89
CA SER B 215 3.66 4.19 8.18
C SER B 215 5.17 3.89 8.08
N VAL B 216 5.77 4.14 6.93
CA VAL B 216 7.16 3.74 6.69
C VAL B 216 8.19 4.27 7.72
N GLY B 217 7.86 5.36 8.42
CA GLY B 217 8.68 5.91 9.54
C GLY B 217 8.51 5.22 10.90
N ALA B 218 9.43 5.53 11.84
CA ALA B 218 9.36 4.95 13.20
C ALA B 218 8.22 5.51 14.04
N THR B 219 7.97 6.81 13.93
CA THR B 219 6.97 7.43 14.81
C THR B 219 5.66 6.68 14.64
N ASN B 220 5.06 6.32 15.76
CA ASN B 220 3.77 5.70 15.75
C ASN B 220 2.82 6.48 14.86
N MET B 221 1.95 5.74 14.20
CA MET B 221 1.03 6.28 13.19
C MET B 221 -0.06 7.16 13.77
N ASN B 222 -0.47 6.90 15.01
CA ASN B 222 -1.43 7.76 15.70
C ASN B 222 -0.86 9.19 15.73
N GLU B 223 0.40 9.33 16.15
CA GLU B 223 1.01 10.65 16.19
C GLU B 223 1.28 11.16 14.78
N HIS B 224 1.85 10.31 13.92
CA HIS B 224 2.23 10.79 12.60
C HIS B 224 0.99 11.25 11.81
N SER B 225 -0.10 10.50 11.89
CA SER B 225 -1.26 10.82 11.05
C SER B 225 -1.99 12.09 11.57
N SER B 226 -1.89 12.36 12.87
CA SER B 226 -2.39 13.58 13.50
C SER B 226 -1.65 14.80 13.00
N ARG B 227 -0.37 14.62 12.67
CA ARG B 227 0.52 15.73 12.32
C ARG B 227 0.67 15.97 10.84
N SER B 228 -0.04 15.18 10.02
CA SER B 228 0.07 15.26 8.56
C SER B 228 -1.33 15.30 7.91
N HIS B 229 -1.35 15.68 6.64
CA HIS B 229 -2.57 15.72 5.78
C HIS B 229 -2.49 14.58 4.75
N ALA B 230 -3.57 13.83 4.58
CA ALA B 230 -3.64 12.75 3.60
C ALA B 230 -4.68 13.16 2.58
N ILE B 231 -4.34 13.07 1.30
CA ILE B 231 -5.24 13.46 0.22
C ILE B 231 -5.35 12.31 -0.78
N PHE B 232 -6.55 11.74 -0.87
CA PHE B 232 -6.83 10.67 -1.81
C PHE B 232 -7.54 11.33 -2.99
N VAL B 233 -7.04 11.11 -4.19
CA VAL B 233 -7.51 11.86 -5.37
C VAL B 233 -8.06 10.87 -6.42
N ILE B 234 -9.35 11.00 -6.73
CA ILE B 234 -9.99 10.14 -7.73
C ILE B 234 -10.26 11.06 -8.94
N THR B 235 -9.60 10.74 -10.04
CA THR B 235 -9.81 11.43 -11.29
C THR B 235 -10.75 10.59 -12.16
N ILE B 236 -11.84 11.18 -12.60
CA ILE B 236 -12.87 10.45 -13.34
C ILE B 236 -13.02 11.13 -14.70
N GLU B 237 -12.65 10.39 -15.74
CA GLU B 237 -12.84 10.85 -17.11
C GLU B 237 -14.07 10.17 -17.69
N CYS B 238 -14.80 10.90 -18.53
CA CYS B 238 -15.97 10.34 -19.20
C CYS B 238 -16.00 10.84 -20.66
N SER B 239 -16.17 9.90 -21.57
CA SER B 239 -16.26 10.16 -23.01
C SER B 239 -17.65 9.69 -23.50
N GLU B 240 -18.39 10.58 -24.13
CA GLU B 240 -19.69 10.26 -24.67
C GLU B 240 -19.99 11.04 -25.96
N VAL B 241 -20.59 10.35 -26.93
CA VAL B 241 -21.05 11.00 -28.16
C VAL B 241 -22.29 11.85 -27.84
N GLY B 242 -22.22 13.15 -28.12
CA GLY B 242 -23.30 14.06 -27.81
C GLY B 242 -24.32 14.10 -28.93
N LEU B 243 -25.32 14.93 -28.77
CA LEU B 243 -26.39 15.03 -29.78
C LEU B 243 -25.87 15.67 -31.08
N ASP B 244 -24.72 16.33 -30.99
CA ASP B 244 -23.99 16.89 -32.14
C ASP B 244 -23.03 15.88 -32.81
N GLY B 245 -23.04 14.62 -32.34
CA GLY B 245 -22.23 13.57 -32.92
C GLY B 245 -20.73 13.64 -32.66
N GLU B 246 -20.31 14.63 -31.87
CA GLU B 246 -18.90 14.81 -31.52
C GLU B 246 -18.60 14.03 -30.23
N ASN B 247 -17.37 13.60 -30.12
CA ASN B 247 -16.95 12.86 -28.93
C ASN B 247 -16.53 13.89 -27.88
N HIS B 248 -17.33 14.00 -26.83
CA HIS B 248 -17.09 14.96 -25.76
C HIS B 248 -16.46 14.26 -24.57
N ILE B 249 -15.38 14.84 -24.05
CA ILE B 249 -14.71 14.30 -22.86
C ILE B 249 -14.81 15.32 -21.73
N ARG B 250 -15.09 14.83 -20.54
CA ARG B 250 -15.16 15.65 -19.33
C ARG B 250 -14.25 14.99 -18.33
N VAL B 251 -13.59 15.80 -17.48
CA VAL B 251 -12.71 15.24 -16.49
C VAL B 251 -12.95 15.97 -15.18
N GLY B 252 -13.30 15.20 -14.15
CA GLY B 252 -13.46 15.77 -12.79
C GLY B 252 -12.47 15.14 -11.83
N LYS B 253 -11.95 15.95 -10.91
CA LYS B 253 -11.05 15.49 -9.87
C LYS B 253 -11.77 15.61 -8.51
N LEU B 254 -11.81 14.48 -7.79
CA LEU B 254 -12.42 14.36 -6.47
C LEU B 254 -11.27 14.24 -5.49
N ASN B 255 -11.03 15.30 -4.76
CA ASN B 255 -10.05 15.32 -3.68
C ASN B 255 -10.72 14.99 -2.37
N LEU B 256 -10.22 13.95 -1.73
CA LEU B 256 -10.80 13.49 -0.47
C LEU B 256 -9.71 13.67 0.58
N VAL B 257 -9.90 14.63 1.47
CA VAL B 257 -8.84 15.15 2.34
C VAL B 257 -9.13 14.88 3.83
N ASP B 258 -8.17 14.27 4.52
CA ASP B 258 -8.24 14.00 5.96
C ASP B 258 -7.11 14.88 6.56
N LEU B 259 -7.48 16.00 7.14
CA LEU B 259 -6.52 17.05 7.56
C LEU B 259 -5.76 16.63 8.82
N ALA B 260 -4.62 17.25 9.06
CA ALA B 260 -3.95 17.19 10.38
C ALA B 260 -4.86 17.76 11.47
N GLY B 261 -4.62 17.34 12.71
CA GLY B 261 -5.40 17.82 13.85
C GLY B 261 -5.41 19.32 14.06
N SER B 262 -6.60 19.87 14.23
CA SER B 262 -6.80 21.34 14.25
C SER B 262 -6.18 22.04 15.47
N GLU B 263 -5.81 21.24 16.48
CA GLU B 263 -5.14 21.76 17.69
C GLU B 263 -3.72 22.23 17.34
N ARG B 264 -3.24 21.83 16.15
CA ARG B 264 -1.85 22.09 15.77
C ARG B 264 -1.75 23.49 15.04
N GLN B 265 -2.19 24.52 15.78
CA GLN B 265 -2.22 25.91 15.31
C GLN B 265 -1.99 26.84 16.50
N ALA B 278 7.53 26.07 18.34
CA ALA B 278 7.03 26.68 17.11
C ALA B 278 6.55 25.58 16.15
N THR B 279 7.38 24.55 16.01
CA THR B 279 7.15 23.38 15.14
C THR B 279 5.80 22.68 15.34
N LYS B 280 5.20 22.89 16.51
CA LYS B 280 3.80 22.50 16.77
C LYS B 280 2.79 23.11 15.78
N ILE B 281 3.07 24.33 15.27
CA ILE B 281 2.14 24.94 14.31
C ILE B 281 2.29 24.26 12.95
N ASN B 282 1.21 23.63 12.50
CA ASN B 282 1.16 23.04 11.16
C ASN B 282 0.94 24.14 10.11
N LEU B 283 1.92 24.33 9.21
CA LEU B 283 1.92 25.48 8.30
C LEU B 283 0.83 25.40 7.25
N SER B 284 0.42 24.18 6.90
CA SER B 284 -0.67 24.01 5.93
C SER B 284 -2.03 24.28 6.61
N LEU B 285 -2.20 23.87 7.85
CA LEU B 285 -3.39 24.27 8.65
C LEU B 285 -3.48 25.77 8.86
N SER B 286 -2.39 26.39 9.28
CA SER B 286 -2.33 27.84 9.45
C SER B 286 -2.64 28.62 8.17
N ALA B 287 -2.07 28.18 7.04
CA ALA B 287 -2.36 28.79 5.75
C ALA B 287 -3.84 28.59 5.38
N LEU B 288 -4.36 27.38 5.63
CA LEU B 288 -5.80 27.12 5.37
C LEU B 288 -6.69 28.12 6.14
N GLY B 289 -6.40 28.33 7.42
CA GLY B 289 -7.16 29.32 8.22
C GLY B 289 -7.10 30.74 7.65
N ASN B 290 -5.90 31.18 7.26
CA ASN B 290 -5.73 32.54 6.72
C ASN B 290 -6.42 32.73 5.35
N VAL B 291 -6.36 31.70 4.53
CA VAL B 291 -7.07 31.64 3.24
C VAL B 291 -8.58 31.77 3.47
N ILE B 292 -9.17 30.90 4.32
CA ILE B 292 -10.61 30.93 4.67
C ILE B 292 -11.01 32.36 5.13
N SER B 293 -10.22 32.90 6.05
CA SER B 293 -10.51 34.20 6.65
C SER B 293 -10.45 35.35 5.63
N ALA B 294 -9.44 35.31 4.78
CA ALA B 294 -9.27 36.31 3.74
C ALA B 294 -10.38 36.24 2.69
N LEU B 295 -10.82 35.03 2.36
CA LEU B 295 -11.88 34.80 1.36
C LEU B 295 -13.24 35.37 1.83
N VAL B 296 -13.45 35.53 3.13
CA VAL B 296 -14.75 35.89 3.66
C VAL B 296 -14.78 37.22 4.43
N ASP B 297 -13.69 37.99 4.37
CA ASP B 297 -13.63 39.23 5.14
C ASP B 297 -14.39 40.40 4.50
N GLY B 298 -14.88 40.20 3.26
CA GLY B 298 -15.74 41.17 2.61
C GLY B 298 -14.97 42.30 1.96
N LYS B 299 -13.66 42.11 1.85
CA LYS B 299 -12.75 43.14 1.33
C LYS B 299 -11.98 42.55 0.16
N SER B 300 -11.40 43.41 -0.68
CA SER B 300 -10.45 42.94 -1.69
C SER B 300 -9.16 42.74 -0.93
N THR B 301 -8.96 41.51 -0.47
CA THR B 301 -7.86 41.15 0.39
C THR B 301 -7.01 40.14 -0.39
N HIS B 302 -5.70 40.19 -0.18
CA HIS B 302 -4.79 39.18 -0.69
C HIS B 302 -5.21 37.79 -0.13
N ILE B 303 -5.35 36.81 -1.00
CA ILE B 303 -5.65 35.41 -0.59
C ILE B 303 -4.37 34.61 -0.68
N PRO B 304 -3.79 34.23 0.47
CA PRO B 304 -2.45 33.66 0.51
C PRO B 304 -2.36 32.15 0.18
N TYR B 305 -2.84 31.75 -1.01
CA TYR B 305 -2.76 30.33 -1.44
C TYR B 305 -1.32 29.77 -1.43
N ARG B 306 -0.34 30.57 -1.84
CA ARG B 306 1.02 30.11 -1.96
C ARG B 306 1.71 29.84 -0.63
N ASP B 307 1.09 30.20 0.50
CA ASP B 307 1.74 30.07 1.82
C ASP B 307 1.89 28.63 2.34
N SER B 308 1.31 27.66 1.63
CA SER B 308 1.47 26.22 1.97
C SER B 308 1.20 25.34 0.77
N LYS B 309 1.73 24.13 0.84
CA LYS B 309 1.44 23.06 -0.13
C LYS B 309 -0.07 22.74 -0.14
N LEU B 310 -0.69 22.63 1.03
CA LEU B 310 -2.11 22.31 1.10
C LEU B 310 -2.99 23.35 0.37
N THR B 311 -2.76 24.63 0.67
CA THR B 311 -3.59 25.68 0.12
C THR B 311 -3.29 25.94 -1.38
N ARG B 312 -2.06 25.66 -1.82
CA ARG B 312 -1.73 25.71 -3.23
C ARG B 312 -2.42 24.59 -3.96
N LEU B 313 -2.31 23.37 -3.41
CA LEU B 313 -2.93 22.23 -4.04
C LEU B 313 -4.46 22.38 -4.08
N LEU B 314 -5.05 22.89 -3.01
CA LEU B 314 -6.51 23.04 -2.92
C LEU B 314 -7.05 24.46 -3.26
N GLN B 315 -6.27 25.23 -4.00
CA GLN B 315 -6.64 26.60 -4.33
C GLN B 315 -8.03 26.67 -5.01
N ASP B 316 -8.30 25.79 -5.97
CA ASP B 316 -9.62 25.76 -6.66
C ASP B 316 -10.78 25.41 -5.72
N SER B 317 -10.50 24.54 -4.75
CA SER B 317 -11.49 24.14 -3.73
C SER B 317 -11.88 25.30 -2.82
N LEU B 318 -11.04 26.34 -2.74
CA LEU B 318 -11.30 27.46 -1.83
C LEU B 318 -11.38 28.77 -2.61
N GLY B 319 -12.53 29.01 -3.22
CA GLY B 319 -12.74 30.24 -4.01
C GLY B 319 -12.65 30.07 -5.52
N GLY B 320 -12.50 28.84 -6.00
CA GLY B 320 -12.12 28.59 -7.39
C GLY B 320 -13.05 27.63 -8.11
N ASN B 321 -12.47 26.92 -9.06
CA ASN B 321 -13.21 26.04 -9.96
C ASN B 321 -13.44 24.65 -9.36
N ALA B 322 -14.32 24.58 -8.36
CA ALA B 322 -14.68 23.30 -7.71
C ALA B 322 -15.87 23.50 -6.81
N LYS B 323 -16.54 22.39 -6.52
CA LYS B 323 -17.57 22.33 -5.47
C LYS B 323 -16.89 21.71 -4.27
N THR B 324 -17.19 22.20 -3.08
CA THR B 324 -16.44 21.78 -1.89
C THR B 324 -17.42 21.55 -0.74
N VAL B 325 -17.14 20.50 0.07
CA VAL B 325 -17.84 20.26 1.28
C VAL B 325 -16.78 20.15 2.38
N MET B 326 -17.00 20.89 3.46
CA MET B 326 -16.18 20.77 4.67
C MET B 326 -16.99 20.07 5.76
N VAL B 327 -16.44 19.00 6.30
CA VAL B 327 -16.99 18.40 7.49
C VAL B 327 -16.13 18.86 8.66
N ALA B 328 -16.73 19.58 9.59
CA ALA B 328 -16.09 19.97 10.84
C ALA B 328 -16.43 18.97 11.95
N ASN B 329 -15.46 18.16 12.32
CA ASN B 329 -15.62 17.11 13.34
C ASN B 329 -15.29 17.72 14.70
N VAL B 330 -16.16 17.45 15.66
CA VAL B 330 -15.98 17.88 17.03
C VAL B 330 -16.35 16.73 17.96
N GLY B 331 -15.85 16.78 19.20
CA GLY B 331 -16.30 15.91 20.26
C GLY B 331 -17.07 16.68 21.33
N PRO B 332 -17.86 15.95 22.14
CA PRO B 332 -18.85 16.56 23.03
C PRO B 332 -18.38 17.02 24.40
N ALA B 333 -17.16 16.65 24.80
CA ALA B 333 -16.74 16.76 26.19
C ALA B 333 -16.26 18.15 26.59
N SER B 334 -16.60 18.53 27.81
CA SER B 334 -16.14 19.77 28.43
C SER B 334 -14.62 20.03 28.31
N TYR B 335 -13.84 18.95 28.41
CA TYR B 335 -12.38 19.01 28.43
C TYR B 335 -11.82 19.63 27.14
N ASN B 336 -12.54 19.42 26.04
CA ASN B 336 -12.10 19.85 24.72
C ASN B 336 -12.84 21.08 24.17
N VAL B 337 -13.54 21.80 25.05
CA VAL B 337 -14.45 22.85 24.63
C VAL B 337 -13.72 23.93 23.83
N GLU B 338 -12.50 24.29 24.25
CA GLU B 338 -11.72 25.33 23.59
C GLU B 338 -11.44 24.97 22.14
N GLU B 339 -10.96 23.73 21.90
CA GLU B 339 -10.68 23.27 20.50
C GLU B 339 -11.94 23.11 19.66
N THR B 340 -13.03 22.73 20.33
CA THR B 340 -14.31 22.61 19.68
C THR B 340 -14.81 23.97 19.13
N LEU B 341 -14.73 24.98 19.98
CA LEU B 341 -15.06 26.33 19.59
C LEU B 341 -14.19 26.86 18.48
N THR B 342 -12.88 26.62 18.51
CA THR B 342 -11.97 26.95 17.40
C THR B 342 -12.45 26.34 16.09
N THR B 343 -12.73 25.03 16.11
CA THR B 343 -13.28 24.33 14.95
C THR B 343 -14.55 24.95 14.40
N LEU B 344 -15.50 25.20 15.30
CA LEU B 344 -16.79 25.79 14.93
C LEU B 344 -16.63 27.21 14.35
N ARG B 345 -15.72 28.00 14.90
CA ARG B 345 -15.48 29.36 14.34
C ARG B 345 -14.97 29.29 12.90
N TYR B 346 -13.93 28.46 12.62
CA TYR B 346 -13.43 28.30 11.26
C TYR B 346 -14.50 27.74 10.33
N ALA B 347 -15.25 26.76 10.83
CA ALA B 347 -16.31 26.17 10.01
C ALA B 347 -17.36 27.23 9.63
N ASN B 348 -17.73 28.05 10.62
CA ASN B 348 -18.69 29.15 10.46
C ASN B 348 -18.20 30.20 9.45
N ARG B 349 -16.90 30.49 9.43
CA ARG B 349 -16.32 31.35 8.40
C ARG B 349 -16.39 30.72 7.02
N ALA B 350 -15.92 29.46 6.92
CA ALA B 350 -15.81 28.74 5.63
C ALA B 350 -17.13 28.68 4.84
N LYS B 351 -18.27 28.68 5.54
CA LYS B 351 -19.56 28.52 4.83
C LYS B 351 -19.89 29.73 3.94
N ASN B 352 -19.20 30.86 4.13
CA ASN B 352 -19.35 32.05 3.27
C ASN B 352 -18.43 32.12 2.05
N ILE B 353 -17.54 31.13 1.92
CA ILE B 353 -16.66 31.12 0.75
C ILE B 353 -17.48 30.86 -0.53
N LYS B 354 -17.26 31.69 -1.54
CA LYS B 354 -17.90 31.54 -2.85
C LYS B 354 -16.96 30.91 -3.86
N ASN B 355 -17.41 29.81 -4.49
CA ASN B 355 -16.68 29.16 -5.56
C ASN B 355 -17.42 29.42 -6.87
N LYS B 356 -16.75 29.12 -7.97
CA LYS B 356 -17.35 29.22 -9.29
C LYS B 356 -17.03 27.96 -10.12
N PRO B 357 -17.74 26.86 -9.82
CA PRO B 357 -17.38 25.60 -10.45
C PRO B 357 -17.87 25.54 -11.87
N ARG B 358 -17.10 24.88 -12.71
CA ARG B 358 -17.47 24.61 -14.12
C ARG B 358 -17.18 23.16 -14.50
N VAL B 359 -17.98 22.64 -15.43
CA VAL B 359 -17.67 21.39 -16.08
C VAL B 359 -16.39 21.58 -16.87
N ASN B 360 -15.50 20.62 -16.71
CA ASN B 360 -14.18 20.62 -17.32
C ASN B 360 -14.24 19.83 -18.61
N GLU B 361 -14.48 20.57 -19.69
CA GLU B 361 -14.84 20.00 -20.99
C GLU B 361 -13.63 19.93 -21.91
N ASP B 362 -13.53 18.81 -22.61
CA ASP B 362 -12.42 18.50 -23.52
C ASP B 362 -11.07 19.12 -23.11
N PRO B 363 -10.58 18.77 -21.89
CA PRO B 363 -9.26 19.26 -21.49
C PRO B 363 -8.15 18.56 -22.26
N LYS B 364 -7.01 19.23 -22.40
CA LYS B 364 -5.87 18.67 -23.11
C LYS B 364 -5.32 17.42 -22.39
N ASP B 365 -5.29 17.47 -21.06
CA ASP B 365 -4.92 16.31 -20.27
C ASP B 365 -6.15 15.41 -20.10
N ALA B 366 -6.35 14.50 -21.07
CA ALA B 366 -7.39 13.44 -20.97
C ALA B 366 -6.85 12.13 -21.55
N LEU B 367 -6.69 11.13 -20.69
CA LEU B 367 -6.20 9.83 -21.11
C LEU B 367 -7.15 9.14 -22.09
N LEU B 368 -8.46 9.35 -21.93
CA LEU B 368 -9.46 8.76 -22.84
C LEU B 368 -9.28 9.17 -24.30
N ARG B 369 -8.65 10.34 -24.55
CA ARG B 369 -8.28 10.76 -25.93
C ARG B 369 -7.42 9.71 -26.68
N GLU B 370 -6.64 8.90 -25.95
CA GLU B 370 -5.88 7.77 -26.54
C GLU B 370 -6.74 6.76 -27.33
N PHE B 371 -8.00 6.60 -26.94
CA PHE B 371 -8.87 5.57 -27.54
C PHE B 371 -9.76 6.16 -28.64
#